data_7Q60
#
_entry.id   7Q60
#
_cell.length_a   1.00
_cell.length_b   1.00
_cell.length_c   1.00
_cell.angle_alpha   90.00
_cell.angle_beta   90.00
_cell.angle_gamma   90.00
#
_symmetry.space_group_name_H-M   'P 1'
#
_entity_poly.entity_id   1
_entity_poly.type   'polypeptide(L)'
_entity_poly.pdbx_seq_one_letter_code
;ELPNYLVTLPARLNFPSVQKVCLDLSPGYSDVKFTVTLETKDKTQKLLEYSGLKKRHLHCISFLVPPPAGGTEEVATIRV
SGVGNNISFEEKKKVLIQRQGNGTFVQTDKPLYTPGQQVYFRIVTMDSNFVPVNDKYSMVELQDPNSNRIAQWLEVVPEQ
GIVDLSFQLAPEAMLGTYTVAVAEGKTFGTFSVEEYVLPKFKVEVVEPKELSTVQESFLVKICCRYTYGKPMLGAVQVSV
CQKANTYWYREVEREQLPDKCRNLSGQTDKTGCFSAPVDMATFDLIGYAYSHQINIVATVVEEGTGVEANATQNIYISPQ
MGSMTFEDTSNFYHPNFPFSGKIRVRGHDDSFLKNHLVFLVIYGTNGTFNQTLVTDNNGLAPFTLETSGWNGTDVSLEGK
FQMEDLVYNPEQVPRYYQNAYLHLRPFYSTTRSFLGIHRLNGPLKCGQPQEVLVDYYIDPADASPDQEISFSYYLIGKGS
LVMEGQKHLNSKKKGLKASFSLSLTFTSRLAPDPSLVIYAIFPSGGVVADKIQFSVEMCFDNQVSLGFSPSQQLPGAEVE
LQLQAAPGSLCALRAVDESVLLLRPDRELSNRSVYGMFPFWYGHYPYQVAEYDQCPVSGPWDFPQPLIDPMPQGHSSQRS
IIWRPSFSEGTDLFSFFRDVGLKILSNAKIKKPVDCSHRSPEYSTAMGAGGGHPEAFESSTPLHQAEDSQVRQYFPETWL
WDLFPIGNSGKEAVHVTVPDAITEWKAMSFCTSQSRGFGLSPTVGLTAFKPFFVDLTLPYSVVRGESFRLTATIFNYLKD
CIRVQTDLAKSHEYQLESWADSQTSSCLCADDAKTHHWNITAVKLGHINFTISTKILDSNEPCGGQKGFVPQKGRSDTLI
KPVLVKPEGVLVEKTHSSLLCPKGKVASESVSLELPVDIVPDSTKAYVTVLGDIMGTALQNLDGLVQMPSGCGEQNMVLF
APIIYVLQYLEKAGLLTEEIRSRAVGFLEIGYQKELMYKHSNGSYSAFGERDGNGNTWLTAFVTKCFGQAQKFIFIDPKN
IQDALKWMAGNQLPSGCYANVGNLLHTAMKGGVDDEVSLTAYVTAALLEMGKDVDDPMVSQGLRCLKNSATSTTNLYTQA
LLAYIFSLAGEMDIRNILLKQLDQQAIISGESIYWSQKPTPSSNASPWSEPAAVDVELTAYALLAQLTKPSLTQKEIAKA
TSIVAWLAKQHNAYGGFSSTQDTVVALQALAKYATTAYMPSEEINLVVKSTENFQRTFNIQSVNRLVFQQDTLPNVPGMY
TLEASGQGCVYVQTVLRYNILPPTNMKTFSLSVEIGKARCEQPTSPRSLTLTIHTSYVGSRSSSNMAIVEVKMLSGFSPM
EGTNQLLLQQPLVKKVEFGTDTLNIYLDELIKNTQTYTFTISQSVLVTNLKPATIKVYDYYLPDEQATIQYSDPCE
;
_entity_poly.pdbx_strand_id   A
#
# COMPACT_ATOMS: atom_id res chain seq x y z
N GLU A 1 49.10 16.24 -31.99
CA GLU A 1 48.31 16.12 -30.77
C GLU A 1 46.99 16.87 -30.91
N LEU A 2 45.88 16.18 -30.65
CA LEU A 2 44.56 16.77 -30.79
C LEU A 2 43.91 16.91 -29.41
N PRO A 3 43.77 18.11 -28.87
CA PRO A 3 43.10 18.27 -27.59
C PRO A 3 41.59 18.12 -27.72
N ASN A 4 40.96 17.69 -26.63
CA ASN A 4 39.53 17.42 -26.62
C ASN A 4 38.94 17.80 -25.26
N TYR A 5 37.61 17.90 -25.23
CA TYR A 5 36.88 18.28 -24.03
C TYR A 5 35.96 17.14 -23.63
N LEU A 6 35.43 17.23 -22.41
CA LEU A 6 34.34 16.34 -22.01
C LEU A 6 33.41 17.10 -21.09
N VAL A 7 32.10 16.92 -21.24
CA VAL A 7 31.11 17.56 -20.39
C VAL A 7 30.18 16.47 -19.86
N THR A 8 29.98 16.45 -18.54
CA THR A 8 29.07 15.50 -17.91
C THR A 8 28.18 16.21 -16.89
N LEU A 9 26.93 15.78 -16.84
CA LEU A 9 25.89 16.34 -15.98
C LEU A 9 24.82 15.27 -15.81
N PRO A 10 23.95 15.37 -14.80
CA PRO A 10 22.84 14.42 -14.73
C PRO A 10 21.79 14.67 -15.80
N ALA A 11 21.05 13.61 -16.13
CA ALA A 11 20.03 13.69 -17.16
C ALA A 11 18.67 14.07 -16.58
N ARG A 12 18.30 13.49 -15.45
CA ARG A 12 17.06 13.80 -14.77
C ARG A 12 17.36 14.78 -13.64
N LEU A 13 16.79 15.98 -13.73
CA LEU A 13 17.08 17.07 -12.80
C LEU A 13 15.89 17.25 -11.85
N ASN A 14 16.19 17.42 -10.57
CA ASN A 14 15.18 17.57 -9.53
C ASN A 14 15.27 18.96 -8.91
N PHE A 15 14.12 19.64 -8.80
CA PHE A 15 14.11 21.02 -8.28
C PHE A 15 14.56 21.20 -6.82
N PRO A 16 14.08 20.42 -5.80
CA PRO A 16 14.65 20.70 -4.46
C PRO A 16 15.97 19.99 -4.20
N SER A 17 16.97 20.32 -5.01
CA SER A 17 18.29 19.69 -4.96
C SER A 17 19.29 20.58 -5.69
N VAL A 18 20.56 20.34 -5.42
CA VAL A 18 21.67 21.00 -6.10
C VAL A 18 22.50 19.92 -6.79
N GLN A 19 22.76 20.12 -8.08
CA GLN A 19 23.39 19.08 -8.89
C GLN A 19 24.78 19.52 -9.32
N LYS A 20 25.52 18.60 -9.93
CA LYS A 20 26.92 18.82 -10.24
C LYS A 20 27.17 18.69 -11.74
N VAL A 21 27.93 19.63 -12.29
CA VAL A 21 28.38 19.56 -13.68
C VAL A 21 29.90 19.52 -13.66
N CYS A 22 30.49 18.82 -14.65
CA CYS A 22 31.94 18.69 -14.72
C CYS A 22 32.40 18.82 -16.17
N LEU A 23 33.56 19.45 -16.33
CA LEU A 23 34.17 19.71 -17.63
C LEU A 23 35.63 19.25 -17.55
N ASP A 24 36.05 18.44 -18.51
CA ASP A 24 37.38 17.84 -18.50
C ASP A 24 38.17 18.41 -19.67
N LEU A 25 39.40 18.86 -19.36
CA LEU A 25 40.25 19.63 -20.28
C LEU A 25 41.47 18.78 -20.62
N SER A 26 41.80 18.72 -21.91
CA SER A 26 43.06 18.16 -22.36
C SER A 26 44.20 19.18 -22.15
N PRO A 27 45.46 18.73 -22.22
CA PRO A 27 46.55 19.70 -22.40
C PRO A 27 46.48 20.37 -23.76
N GLY A 28 47.17 21.49 -23.87
CA GLY A 28 46.97 22.35 -25.01
C GLY A 28 45.89 23.36 -24.71
N TYR A 29 45.27 23.85 -25.79
CA TYR A 29 44.23 24.91 -25.81
C TYR A 29 44.82 26.17 -25.16
N SER A 30 44.23 26.68 -24.08
CA SER A 30 44.60 27.82 -23.23
C SER A 30 44.44 29.18 -23.92
N ASP A 31 44.10 29.24 -25.21
CA ASP A 31 43.72 30.46 -25.88
C ASP A 31 42.25 30.46 -26.26
N VAL A 32 41.55 29.35 -26.01
CA VAL A 32 40.12 29.25 -26.25
C VAL A 32 39.43 29.33 -24.89
N LYS A 33 38.11 29.45 -24.94
CA LYS A 33 37.32 29.67 -23.74
C LYS A 33 36.10 28.78 -23.83
N PHE A 34 36.01 27.78 -22.94
CA PHE A 34 34.93 26.81 -22.95
C PHE A 34 33.89 27.21 -21.92
N THR A 35 32.64 27.30 -22.33
CA THR A 35 31.53 27.47 -21.41
C THR A 35 30.57 26.31 -21.58
N VAL A 36 29.95 25.91 -20.48
CA VAL A 36 28.75 25.09 -20.51
C VAL A 36 27.66 25.81 -19.73
N THR A 37 26.51 26.00 -20.38
CA THR A 37 25.40 26.80 -19.86
C THR A 37 24.10 26.03 -20.06
N LEU A 38 23.24 26.07 -19.05
CA LEU A 38 21.90 25.51 -19.18
C LEU A 38 20.94 26.60 -19.64
N GLU A 39 20.21 26.35 -20.72
CA GLU A 39 19.28 27.31 -21.28
C GLU A 39 17.90 26.66 -21.40
N THR A 40 16.88 27.51 -21.38
CA THR A 40 15.51 27.06 -21.36
C THR A 40 14.62 28.11 -22.03
N LYS A 41 13.32 27.98 -21.82
CA LYS A 41 12.32 28.79 -22.50
C LYS A 41 12.20 30.20 -21.95
N ASP A 42 12.75 30.48 -20.77
CA ASP A 42 12.62 31.81 -20.18
C ASP A 42 13.90 32.42 -19.61
N LYS A 43 14.98 31.66 -19.44
CA LYS A 43 16.23 32.22 -18.95
C LYS A 43 17.39 31.39 -19.49
N THR A 44 18.61 31.80 -19.14
CA THR A 44 19.82 31.07 -19.46
C THR A 44 20.84 31.37 -18.38
N GLN A 45 21.21 30.37 -17.59
CA GLN A 45 22.09 30.58 -16.47
C GLN A 45 23.48 30.00 -16.77
N LYS A 46 24.47 30.56 -16.07
CA LYS A 46 25.88 30.23 -16.30
C LYS A 46 26.29 29.12 -15.35
N LEU A 47 26.76 27.99 -15.90
CA LEU A 47 27.22 26.88 -15.08
C LEU A 47 28.74 26.85 -14.97
N LEU A 48 29.46 26.78 -16.10
CA LEU A 48 30.91 26.81 -16.03
C LEU A 48 31.50 27.62 -17.18
N GLU A 49 32.50 28.43 -16.84
CA GLU A 49 33.20 29.32 -17.77
C GLU A 49 34.68 29.15 -17.46
N TYR A 50 35.45 28.57 -18.40
CA TYR A 50 36.81 28.15 -18.08
C TYR A 50 37.72 28.18 -19.29
N SER A 51 38.98 28.53 -19.07
CA SER A 51 40.03 28.46 -20.08
C SER A 51 41.04 27.38 -19.69
N GLY A 52 41.51 26.64 -20.69
CA GLY A 52 42.23 25.42 -20.43
C GLY A 52 43.65 25.63 -19.93
N LEU A 53 44.23 24.55 -19.42
CA LEU A 53 45.58 24.55 -18.87
C LEU A 53 46.47 23.60 -19.67
N LYS A 54 47.69 23.36 -19.20
CA LYS A 54 48.63 22.47 -19.87
C LYS A 54 48.54 21.03 -19.35
N LYS A 55 47.52 20.71 -18.56
CA LYS A 55 47.27 19.34 -18.11
C LYS A 55 45.80 19.02 -18.33
N ARG A 56 45.44 17.77 -18.10
CA ARG A 56 44.03 17.40 -18.05
C ARG A 56 43.43 17.92 -16.75
N HIS A 57 42.49 18.85 -16.85
CA HIS A 57 41.88 19.44 -15.65
C HIS A 57 40.41 19.07 -15.60
N LEU A 58 39.97 18.53 -14.48
CA LEU A 58 38.57 18.20 -14.26
C LEU A 58 37.99 19.26 -13.34
N HIS A 59 37.23 20.19 -13.91
CA HIS A 59 36.60 21.26 -13.15
C HIS A 59 35.14 20.92 -12.92
N CYS A 60 34.73 20.89 -11.65
CA CYS A 60 33.38 20.48 -11.28
C CYS A 60 32.77 21.57 -10.41
N ILE A 61 31.52 21.92 -10.71
CA ILE A 61 30.82 22.94 -9.94
C ILE A 61 29.42 22.44 -9.62
N SER A 62 28.83 23.02 -8.57
CA SER A 62 27.48 22.70 -8.14
C SER A 62 26.55 23.84 -8.52
N PHE A 63 25.41 23.49 -9.11
CA PHE A 63 24.45 24.46 -9.62
C PHE A 63 23.06 24.13 -9.13
N LEU A 64 22.26 25.19 -8.98
CA LEU A 64 20.86 25.07 -8.61
C LEU A 64 20.01 24.86 -9.85
N VAL A 65 18.95 24.09 -9.69
CA VAL A 65 18.13 23.61 -10.80
C VAL A 65 17.05 24.64 -11.10
N PRO A 66 16.76 24.93 -12.37
CA PRO A 66 15.64 25.84 -12.69
C PRO A 66 14.29 25.20 -12.40
N PRO A 67 13.26 26.00 -12.13
CA PRO A 67 11.92 25.45 -11.92
C PRO A 67 11.31 24.97 -13.23
N PRO A 68 10.43 23.96 -13.18
CA PRO A 68 9.77 23.50 -14.42
C PRO A 68 8.77 24.50 -14.96
N ALA A 69 8.72 24.58 -16.30
CA ALA A 69 7.81 25.51 -16.96
C ALA A 69 6.37 25.02 -16.88
N GLY A 70 6.16 23.72 -17.06
CA GLY A 70 4.83 23.15 -16.88
C GLY A 70 4.46 22.83 -15.46
N GLY A 71 5.39 23.06 -14.52
CA GLY A 71 5.18 22.78 -13.12
C GLY A 71 5.78 21.46 -12.67
N THR A 72 5.87 20.48 -13.56
CA THR A 72 6.43 19.19 -13.21
C THR A 72 7.29 18.56 -14.29
N GLU A 73 7.52 19.22 -15.42
CA GLU A 73 8.26 18.62 -16.52
C GLU A 73 8.86 19.73 -17.36
N GLU A 74 10.10 19.53 -17.80
CA GLU A 74 10.77 20.47 -18.68
C GLU A 74 11.86 19.74 -19.45
N VAL A 75 11.98 20.05 -20.74
CA VAL A 75 13.12 19.60 -21.55
C VAL A 75 14.02 20.82 -21.75
N ALA A 76 15.06 20.94 -20.94
CA ALA A 76 16.00 22.05 -21.04
C ALA A 76 17.15 21.67 -21.95
N THR A 77 17.79 22.68 -22.54
CA THR A 77 18.89 22.46 -23.47
C THR A 77 20.20 22.81 -22.78
N ILE A 78 21.14 21.88 -22.78
CA ILE A 78 22.45 22.10 -22.20
C ILE A 78 23.41 22.39 -23.36
N ARG A 79 24.21 23.46 -23.24
CA ARG A 79 24.95 24.00 -24.36
C ARG A 79 26.41 24.14 -24.00
N VAL A 80 27.29 23.59 -24.84
CA VAL A 80 28.74 23.73 -24.66
C VAL A 80 29.29 24.49 -25.85
N SER A 81 30.03 25.57 -25.55
CA SER A 81 30.57 26.42 -26.60
C SER A 81 31.98 26.86 -26.23
N GLY A 82 32.91 26.63 -27.16
CA GLY A 82 34.29 27.07 -27.01
C GLY A 82 34.64 28.11 -28.04
N VAL A 83 34.91 29.33 -27.57
CA VAL A 83 35.13 30.46 -28.44
C VAL A 83 36.59 30.87 -28.36
N GLY A 84 36.97 31.84 -29.20
CA GLY A 84 38.30 32.41 -29.16
C GLY A 84 39.22 31.91 -30.26
N ASN A 85 39.85 32.87 -30.95
CA ASN A 85 40.87 32.65 -31.99
C ASN A 85 40.34 31.81 -33.15
N ASN A 86 39.29 32.35 -33.78
CA ASN A 86 38.63 31.92 -35.03
C ASN A 86 38.13 30.47 -35.03
N ILE A 87 37.99 29.83 -33.87
CA ILE A 87 37.37 28.52 -33.78
C ILE A 87 36.28 28.56 -32.72
N SER A 88 35.13 27.96 -33.03
CA SER A 88 33.97 28.05 -32.15
C SER A 88 33.30 26.68 -32.12
N PHE A 89 33.65 25.87 -31.13
CA PHE A 89 32.95 24.62 -30.90
C PHE A 89 31.59 24.90 -30.29
N GLU A 90 30.58 24.16 -30.73
CA GLU A 90 29.23 24.35 -30.22
C GLU A 90 28.49 23.01 -30.30
N GLU A 91 27.87 22.62 -29.19
CA GLU A 91 27.13 21.36 -29.21
C GLU A 91 25.99 21.49 -28.19
N LYS A 92 24.81 20.98 -28.55
CA LYS A 92 23.64 21.02 -27.70
C LYS A 92 23.15 19.62 -27.38
N LYS A 93 22.84 19.37 -26.11
CA LYS A 93 22.13 18.17 -25.72
C LYS A 93 20.91 18.58 -24.90
N LYS A 94 20.10 17.60 -24.52
CA LYS A 94 18.86 17.86 -23.81
C LYS A 94 18.88 17.15 -22.47
N VAL A 95 18.33 17.81 -21.44
CA VAL A 95 18.17 17.21 -20.13
C VAL A 95 16.74 17.44 -19.66
N LEU A 96 16.31 16.62 -18.70
CA LEU A 96 14.96 16.65 -18.17
C LEU A 96 14.96 17.21 -16.77
N ILE A 97 14.17 18.25 -16.54
CA ILE A 97 13.94 18.81 -15.22
C ILE A 97 12.54 18.40 -14.79
N GLN A 98 12.44 17.72 -13.65
CA GLN A 98 11.13 17.33 -13.15
C GLN A 98 11.12 17.39 -11.64
N ARG A 99 9.97 17.75 -11.09
CA ARG A 99 9.77 17.69 -9.65
C ARG A 99 9.51 16.25 -9.25
N GLN A 100 10.40 15.68 -8.45
CA GLN A 100 10.25 14.28 -8.04
C GLN A 100 9.16 14.15 -6.99
N GLY A 101 8.75 12.91 -6.76
CA GLY A 101 7.69 12.63 -5.82
C GLY A 101 8.16 12.79 -4.38
N ASN A 102 7.58 13.75 -3.68
CA ASN A 102 7.79 13.89 -2.24
C ASN A 102 7.10 12.73 -1.56
N GLY A 103 7.88 11.75 -1.10
CA GLY A 103 7.31 10.50 -0.62
C GLY A 103 6.69 10.65 0.76
N THR A 104 5.40 10.34 0.86
CA THR A 104 4.64 10.59 2.07
C THR A 104 4.22 9.26 2.68
N PHE A 105 4.45 9.09 3.97
CA PHE A 105 3.87 7.95 4.67
C PHE A 105 3.20 8.42 5.96
N VAL A 106 2.36 7.53 6.47
CA VAL A 106 1.63 7.74 7.72
C VAL A 106 1.75 6.48 8.56
N GLN A 107 2.17 6.64 9.80
CA GLN A 107 2.21 5.52 10.73
C GLN A 107 1.24 5.81 11.87
N THR A 108 0.73 4.75 12.47
CA THR A 108 -0.09 4.85 13.66
C THR A 108 0.64 4.19 14.82
N ASP A 109 0.11 4.37 16.03
CA ASP A 109 0.75 3.75 17.18
C ASP A 109 0.45 2.26 17.24
N LYS A 110 -0.69 1.85 16.71
CA LYS A 110 -1.09 0.45 16.62
C LYS A 110 -1.80 0.20 15.30
N PRO A 111 -1.84 -1.04 14.83
CA PRO A 111 -2.78 -1.39 13.76
C PRO A 111 -4.16 -1.84 14.22
N LEU A 112 -4.42 -1.84 15.53
CA LEU A 112 -5.61 -2.50 16.06
C LEU A 112 -6.00 -1.91 17.40
N TYR A 113 -7.28 -1.53 17.52
CA TYR A 113 -7.77 -0.71 18.62
C TYR A 113 -9.09 -1.25 19.15
N THR A 114 -9.27 -1.20 20.47
CA THR A 114 -10.58 -1.42 21.09
C THR A 114 -11.48 -0.20 20.88
N PRO A 115 -12.80 -0.38 21.02
CA PRO A 115 -13.67 0.74 21.24
C PRO A 115 -13.32 1.57 22.46
N GLY A 116 -13.59 2.87 22.36
CA GLY A 116 -13.41 3.77 23.48
C GLY A 116 -12.00 4.26 23.69
N GLN A 117 -11.11 4.07 22.73
CA GLN A 117 -9.72 4.45 22.85
C GLN A 117 -9.37 5.50 21.81
N GLN A 118 -8.13 5.97 21.90
CA GLN A 118 -7.70 7.15 21.16
C GLN A 118 -6.60 6.75 20.19
N VAL A 119 -6.83 7.03 18.91
CA VAL A 119 -5.84 6.74 17.87
C VAL A 119 -4.89 7.93 17.73
N TYR A 120 -3.60 7.63 17.79
CA TYR A 120 -2.55 8.59 17.53
C TYR A 120 -1.86 8.22 16.23
N PHE A 121 -1.52 9.22 15.42
CA PHE A 121 -0.81 8.92 14.18
C PHE A 121 0.17 10.04 13.85
N ARG A 122 1.18 9.68 13.07
CA ARG A 122 2.25 10.57 12.65
C ARG A 122 2.37 10.52 11.14
N ILE A 123 2.68 11.68 10.55
CA ILE A 123 2.53 11.87 9.12
C ILE A 123 3.79 12.57 8.65
N VAL A 124 4.52 11.94 7.71
CA VAL A 124 5.86 12.39 7.28
C VAL A 124 5.87 12.54 5.76
N THR A 125 6.43 13.64 5.28
CA THR A 125 6.72 13.85 3.86
C THR A 125 8.24 13.89 3.67
N MET A 126 8.69 13.44 2.49
CA MET A 126 10.07 13.10 2.23
C MET A 126 10.51 13.71 0.91
N ASP A 127 11.78 14.10 0.82
CA ASP A 127 12.42 14.37 -0.46
C ASP A 127 13.27 13.17 -0.85
N SER A 128 13.62 13.11 -2.14
CA SER A 128 14.38 11.97 -2.69
C SER A 128 15.82 11.94 -2.20
N ASN A 129 16.36 13.05 -1.73
CA ASN A 129 17.67 13.08 -1.09
C ASN A 129 17.58 12.91 0.43
N PHE A 130 16.44 12.39 0.91
CA PHE A 130 16.20 11.86 2.25
C PHE A 130 16.26 12.93 3.33
N VAL A 131 15.96 14.18 2.99
CA VAL A 131 15.72 15.23 3.98
C VAL A 131 14.22 15.54 3.98
N PRO A 132 13.58 15.60 5.13
CA PRO A 132 12.13 15.83 5.15
C PRO A 132 11.77 17.28 4.87
N VAL A 133 10.70 17.47 4.12
CA VAL A 133 10.24 18.78 3.69
C VAL A 133 9.09 19.21 4.60
N ASN A 134 9.04 20.50 4.91
CA ASN A 134 7.95 21.09 5.69
C ASN A 134 6.84 21.61 4.80
N ASP A 135 6.33 20.75 3.94
CA ASP A 135 5.31 21.13 2.97
C ASP A 135 3.96 21.28 3.66
N LYS A 136 3.09 22.08 3.03
CA LYS A 136 1.80 22.40 3.61
C LYS A 136 0.81 21.28 3.34
N TYR A 137 0.06 20.89 4.37
CA TYR A 137 -0.95 19.85 4.24
C TYR A 137 -2.31 20.48 4.02
N SER A 138 -3.01 20.04 2.99
CA SER A 138 -4.33 20.59 2.68
C SER A 138 -5.38 20.06 3.63
N MET A 139 -5.59 18.74 3.63
CA MET A 139 -6.62 18.14 4.45
C MET A 139 -6.22 16.70 4.77
N VAL A 140 -6.28 16.34 6.05
CA VAL A 140 -6.07 14.98 6.50
C VAL A 140 -7.42 14.45 6.97
N GLU A 141 -7.88 13.34 6.40
CA GLU A 141 -9.23 12.85 6.72
C GLU A 141 -9.16 11.44 7.30
N LEU A 142 -10.03 11.19 8.26
CA LEU A 142 -10.15 9.88 8.90
C LEU A 142 -11.57 9.38 8.66
N GLN A 143 -11.66 8.30 7.90
CA GLN A 143 -12.89 7.74 7.35
C GLN A 143 -13.24 6.42 8.03
N ASP A 144 -14.54 6.16 8.08
CA ASP A 144 -15.24 5.00 8.62
C ASP A 144 -14.98 3.77 7.78
N PRO A 145 -15.20 2.58 8.34
CA PRO A 145 -15.39 1.40 7.49
C PRO A 145 -16.59 1.50 6.57
N ASN A 146 -17.64 2.20 6.98
CA ASN A 146 -18.76 2.57 6.12
C ASN A 146 -18.51 3.86 5.35
N SER A 147 -17.26 4.34 5.33
CA SER A 147 -16.74 5.40 4.44
C SER A 147 -17.43 6.74 4.69
N ASN A 148 -17.44 7.13 5.95
CA ASN A 148 -17.87 8.46 6.38
C ASN A 148 -16.70 9.13 7.06
N ARG A 149 -16.38 10.35 6.63
CA ARG A 149 -15.26 11.12 7.14
C ARG A 149 -15.61 11.61 8.55
N ILE A 150 -15.27 10.79 9.54
CA ILE A 150 -15.65 11.14 10.91
C ILE A 150 -14.69 12.14 11.50
N ALA A 151 -13.48 12.26 10.95
CA ALA A 151 -12.56 13.27 11.43
C ALA A 151 -11.88 13.97 10.27
N GLN A 152 -11.57 15.24 10.45
CA GLN A 152 -10.96 16.03 9.40
C GLN A 152 -10.12 17.14 10.01
N TRP A 153 -8.86 17.22 9.58
CA TRP A 153 -7.95 18.29 9.98
C TRP A 153 -7.59 19.11 8.76
N LEU A 154 -7.83 20.42 8.86
CA LEU A 154 -7.62 21.36 7.78
C LEU A 154 -6.54 22.35 8.18
N GLU A 155 -5.60 22.60 7.26
CA GLU A 155 -4.48 23.55 7.40
C GLU A 155 -3.61 23.18 8.61
N VAL A 156 -2.93 22.05 8.50
CA VAL A 156 -2.05 21.61 9.58
C VAL A 156 -0.60 21.71 9.11
N VAL A 157 0.26 22.15 10.02
CA VAL A 157 1.66 22.42 9.67
C VAL A 157 2.56 21.37 10.29
N PRO A 158 3.54 20.86 9.56
CA PRO A 158 4.51 19.95 10.18
C PRO A 158 5.69 20.70 10.79
N GLU A 159 6.00 20.43 12.04
CA GLU A 159 7.24 20.94 12.63
C GLU A 159 8.31 19.86 12.48
N GLN A 160 9.46 20.28 11.94
CA GLN A 160 10.57 19.41 11.48
C GLN A 160 10.11 18.34 10.51
N GLY A 161 9.18 18.69 9.62
CA GLY A 161 8.73 17.79 8.57
C GLY A 161 7.76 16.71 8.97
N ILE A 162 7.46 16.56 10.27
CA ILE A 162 6.55 15.52 10.77
C ILE A 162 5.40 16.20 11.49
N VAL A 163 4.23 15.58 11.47
CA VAL A 163 3.09 16.11 12.20
C VAL A 163 2.40 14.96 12.94
N ASP A 164 2.20 15.17 14.25
CA ASP A 164 1.57 14.20 15.15
C ASP A 164 0.15 14.66 15.43
N LEU A 165 -0.83 13.80 15.14
CA LEU A 165 -2.23 14.11 15.33
C LEU A 165 -2.89 13.01 16.14
N SER A 166 -4.06 13.34 16.69
CA SER A 166 -4.80 12.45 17.57
C SER A 166 -6.29 12.53 17.26
N PHE A 167 -6.99 11.44 17.55
CA PHE A 167 -8.43 11.37 17.33
C PHE A 167 -9.03 10.42 18.36
N GLN A 168 -10.17 10.81 18.93
CA GLN A 168 -10.84 10.01 19.94
C GLN A 168 -11.99 9.25 19.31
N LEU A 169 -12.00 7.93 19.49
CA LEU A 169 -13.11 7.10 19.02
C LEU A 169 -14.22 7.13 20.04
N ALA A 170 -15.42 6.76 19.60
CA ALA A 170 -16.56 6.67 20.49
C ALA A 170 -16.43 5.45 21.40
N PRO A 171 -17.07 5.47 22.57
CA PRO A 171 -17.25 4.22 23.34
C PRO A 171 -18.07 3.19 22.59
N GLU A 172 -19.03 3.62 21.78
CA GLU A 172 -19.80 2.73 20.91
C GLU A 172 -19.33 2.82 19.46
N ALA A 173 -18.03 2.96 19.23
CA ALA A 173 -17.51 3.05 17.87
C ALA A 173 -17.57 1.69 17.18
N MET A 174 -18.05 1.69 15.95
CA MET A 174 -18.34 0.44 15.27
C MET A 174 -17.07 -0.15 14.66
N LEU A 175 -17.15 -1.42 14.26
CA LEU A 175 -15.97 -2.24 14.04
C LEU A 175 -15.70 -2.42 12.54
N GLY A 176 -14.48 -2.07 12.13
CA GLY A 176 -14.07 -2.27 10.75
C GLY A 176 -12.74 -1.60 10.49
N THR A 177 -12.42 -1.48 9.20
CA THR A 177 -11.11 -0.96 8.76
C THR A 177 -11.23 0.53 8.50
N TYR A 178 -10.87 1.33 9.51
CA TYR A 178 -10.85 2.77 9.35
C TYR A 178 -9.63 3.18 8.52
N THR A 179 -9.73 4.35 7.90
CA THR A 179 -8.70 4.83 6.98
C THR A 179 -8.27 6.24 7.36
N VAL A 180 -6.98 6.53 7.20
CA VAL A 180 -6.45 7.88 7.30
C VAL A 180 -5.88 8.24 5.94
N ALA A 181 -6.56 9.12 5.21
CA ALA A 181 -6.16 9.50 3.86
C ALA A 181 -5.59 10.91 3.88
N VAL A 182 -4.55 11.12 3.07
CA VAL A 182 -3.72 12.31 3.21
C VAL A 182 -3.64 13.02 1.86
N ALA A 183 -4.01 14.32 1.85
CA ALA A 183 -3.65 15.33 0.84
C ALA A 183 -4.18 14.99 -0.55
N GLU A 184 -5.37 14.37 -0.60
CA GLU A 184 -6.13 13.92 -1.79
C GLU A 184 -5.29 13.09 -2.78
N GLY A 185 -4.32 12.33 -2.27
CA GLY A 185 -3.37 11.61 -3.09
C GLY A 185 -3.40 10.13 -2.78
N LYS A 186 -2.22 9.51 -2.84
CA LYS A 186 -2.08 8.08 -2.68
C LYS A 186 -1.77 7.64 -1.26
N THR A 187 -1.61 8.58 -0.33
CA THR A 187 -1.14 8.24 1.02
C THR A 187 -2.34 7.79 1.86
N PHE A 188 -2.43 6.47 2.06
CA PHE A 188 -3.47 5.84 2.85
C PHE A 188 -2.81 5.11 4.02
N GLY A 189 -3.36 5.27 5.21
CA GLY A 189 -2.96 4.45 6.33
C GLY A 189 -4.16 3.80 6.98
N THR A 190 -4.27 2.49 6.89
CA THR A 190 -5.44 1.80 7.38
C THR A 190 -5.19 1.23 8.76
N PHE A 191 -6.15 1.40 9.67
CA PHE A 191 -6.11 0.74 10.96
C PHE A 191 -7.44 0.07 11.23
N SER A 192 -7.39 -1.18 11.68
CA SER A 192 -8.57 -1.96 11.97
C SER A 192 -9.02 -1.73 13.40
N VAL A 193 -10.32 -1.83 13.63
CA VAL A 193 -10.88 -1.74 14.96
C VAL A 193 -11.87 -2.88 15.09
N GLU A 194 -11.65 -3.75 16.07
CA GLU A 194 -12.58 -4.82 16.39
C GLU A 194 -12.43 -5.19 17.86
N GLU A 195 -13.31 -6.07 18.33
CA GLU A 195 -13.36 -6.52 19.71
C GLU A 195 -12.41 -7.71 19.86
N TYR A 196 -11.39 -7.55 20.70
CA TYR A 196 -10.35 -8.56 20.80
C TYR A 196 -9.92 -8.74 22.26
N VAL A 197 -9.01 -9.70 22.44
CA VAL A 197 -8.31 -9.92 23.70
C VAL A 197 -6.86 -10.20 23.34
N LEU A 198 -5.94 -9.83 24.23
CA LEU A 198 -4.51 -9.91 23.93
C LEU A 198 -4.00 -11.32 24.16
N PRO A 199 -3.37 -11.95 23.17
CA PRO A 199 -2.71 -13.24 23.41
C PRO A 199 -1.36 -13.07 24.06
N LYS A 200 -0.95 -14.10 24.80
CA LYS A 200 0.32 -14.09 25.50
C LYS A 200 1.37 -15.01 24.87
N PHE A 201 1.03 -15.73 23.81
CA PHE A 201 1.98 -16.60 23.15
C PHE A 201 1.87 -16.50 21.65
N LYS A 202 3.02 -16.62 21.00
CA LYS A 202 3.10 -16.86 19.58
C LYS A 202 3.54 -18.30 19.35
N VAL A 203 3.18 -18.82 18.19
CA VAL A 203 3.51 -20.18 17.78
C VAL A 203 4.21 -20.07 16.44
N GLU A 204 5.34 -20.75 16.26
CA GLU A 204 6.05 -20.61 15.00
C GLU A 204 6.62 -21.94 14.54
N VAL A 205 6.76 -22.05 13.22
CA VAL A 205 7.57 -23.09 12.61
C VAL A 205 9.04 -22.82 12.93
N VAL A 206 9.80 -23.88 13.16
CA VAL A 206 11.23 -23.70 13.44
C VAL A 206 12.04 -24.47 12.41
N GLU A 207 11.87 -25.79 12.35
CA GLU A 207 12.74 -26.61 11.51
C GLU A 207 12.39 -26.66 10.01
N PRO A 208 11.09 -26.79 9.54
CA PRO A 208 10.90 -26.72 8.08
C PRO A 208 11.05 -25.30 7.52
N LYS A 209 12.17 -25.06 6.85
CA LYS A 209 12.39 -23.78 6.17
C LYS A 209 12.00 -23.89 4.69
N GLU A 210 12.65 -24.79 3.96
CA GLU A 210 12.30 -25.08 2.58
C GLU A 210 12.38 -26.58 2.37
N LEU A 211 11.57 -27.08 1.44
CA LEU A 211 11.44 -28.51 1.20
C LEU A 211 11.89 -28.83 -0.22
N SER A 212 12.69 -29.88 -0.36
CA SER A 212 13.17 -30.33 -1.65
C SER A 212 12.81 -31.80 -1.84
N THR A 213 12.95 -32.26 -3.08
CA THR A 213 12.65 -33.64 -3.42
C THR A 213 13.83 -34.58 -3.25
N VAL A 214 14.99 -34.04 -2.85
CA VAL A 214 16.19 -34.86 -2.71
C VAL A 214 16.10 -35.78 -1.49
N GLN A 215 15.58 -35.25 -0.38
CA GLN A 215 15.52 -36.01 0.85
C GLN A 215 14.35 -37.00 0.82
N GLU A 216 14.28 -37.84 1.85
CA GLU A 216 13.23 -38.84 1.98
C GLU A 216 12.28 -38.60 3.15
N SER A 217 12.73 -37.89 4.19
CA SER A 217 11.90 -37.58 5.34
C SER A 217 12.47 -36.35 6.02
N PHE A 218 11.58 -35.50 6.54
CA PHE A 218 12.02 -34.28 7.20
C PHE A 218 11.40 -34.17 8.58
N LEU A 219 11.69 -33.08 9.28
CA LEU A 219 11.24 -32.88 10.64
C LEU A 219 10.44 -31.58 10.73
N VAL A 220 9.32 -31.62 11.45
CA VAL A 220 8.62 -30.40 11.85
C VAL A 220 8.87 -30.17 13.32
N LYS A 221 9.21 -28.94 13.66
CA LYS A 221 9.40 -28.51 15.04
C LYS A 221 8.54 -27.27 15.22
N ILE A 222 7.41 -27.45 15.88
CA ILE A 222 6.50 -26.35 16.18
C ILE A 222 6.87 -25.87 17.58
N CYS A 223 7.23 -24.61 17.71
CA CYS A 223 7.60 -24.10 19.02
C CYS A 223 6.66 -22.96 19.41
N CYS A 224 6.09 -23.08 20.60
CA CYS A 224 5.21 -22.07 21.16
C CYS A 224 6.00 -21.29 22.20
N ARG A 225 6.19 -20.01 21.95
CA ARG A 225 6.96 -19.14 22.82
C ARG A 225 6.05 -18.04 23.34
N TYR A 226 6.14 -17.80 24.65
CA TYR A 226 5.43 -16.71 25.29
C TYR A 226 6.01 -15.38 24.84
N THR A 227 5.23 -14.31 25.05
CA THR A 227 5.63 -13.01 24.54
C THR A 227 6.72 -12.36 25.38
N TYR A 228 7.04 -12.88 26.56
CA TYR A 228 8.18 -12.41 27.32
C TYR A 228 9.36 -13.37 27.28
N GLY A 229 9.33 -14.35 26.39
CA GLY A 229 10.49 -15.16 26.09
C GLY A 229 10.56 -16.49 26.82
N LYS A 230 9.65 -16.76 27.74
CA LYS A 230 9.77 -18.03 28.45
C LYS A 230 9.07 -19.14 27.67
N PRO A 231 9.52 -20.39 27.77
CA PRO A 231 8.81 -21.49 27.11
C PRO A 231 7.54 -21.86 27.87
N MET A 232 6.63 -22.53 27.16
CA MET A 232 5.34 -22.90 27.71
C MET A 232 5.04 -24.37 27.45
N LEU A 233 3.91 -24.82 27.99
CA LEU A 233 3.47 -26.20 27.88
C LEU A 233 2.01 -26.23 27.46
N GLY A 234 1.70 -27.10 26.51
CA GLY A 234 0.34 -27.16 26.00
C GLY A 234 0.21 -28.25 24.97
N ALA A 235 -0.99 -28.36 24.41
CA ALA A 235 -1.31 -29.39 23.43
C ALA A 235 -1.20 -28.83 22.02
N VAL A 236 -0.45 -29.52 21.17
CA VAL A 236 -0.17 -29.08 19.81
C VAL A 236 -0.85 -30.03 18.83
N GLN A 237 -1.57 -29.46 17.87
CA GLN A 237 -2.10 -30.20 16.73
C GLN A 237 -1.58 -29.56 15.46
N VAL A 238 -0.86 -30.34 14.65
CA VAL A 238 -0.23 -29.86 13.43
C VAL A 238 -0.90 -30.52 12.25
N SER A 239 -1.33 -29.73 11.28
CA SER A 239 -1.96 -30.23 10.07
C SER A 239 -1.12 -29.79 8.88
N VAL A 240 -0.49 -30.74 8.20
CA VAL A 240 0.21 -30.45 6.96
C VAL A 240 -0.69 -30.91 5.81
N CYS A 241 -0.68 -30.15 4.71
CA CYS A 241 -1.64 -30.37 3.64
C CYS A 241 -1.01 -30.00 2.31
N GLN A 242 -1.58 -30.57 1.25
CA GLN A 242 -1.18 -30.25 -0.12
C GLN A 242 -2.38 -29.74 -0.89
N LYS A 243 -2.16 -28.71 -1.70
CA LYS A 243 -3.23 -28.08 -2.46
C LYS A 243 -3.51 -28.88 -3.72
N ALA A 244 -4.79 -29.11 -4.00
CA ALA A 244 -5.22 -29.82 -5.20
C ALA A 244 -5.40 -28.85 -6.35
N ASN A 245 -4.94 -29.25 -7.53
CA ASN A 245 -5.04 -28.43 -8.73
C ASN A 245 -6.48 -28.34 -9.24
N LEU A 257 -11.92 -33.39 -5.56
CA LEU A 257 -10.49 -33.47 -5.36
C LEU A 257 -10.15 -33.51 -3.87
N PRO A 258 -9.73 -34.67 -3.36
CA PRO A 258 -9.39 -34.77 -1.94
C PRO A 258 -8.00 -34.22 -1.67
N ASP A 259 -7.90 -33.40 -0.62
CA ASP A 259 -6.62 -32.82 -0.24
C ASP A 259 -5.78 -33.83 0.54
N LYS A 260 -4.55 -34.04 0.09
CA LYS A 260 -3.65 -34.97 0.74
C LYS A 260 -3.06 -34.30 1.97
N CYS A 261 -3.44 -34.79 3.15
CA CYS A 261 -3.11 -34.13 4.40
C CYS A 261 -2.67 -35.16 5.43
N ARG A 262 -1.90 -34.69 6.41
CA ARG A 262 -1.45 -35.51 7.52
C ARG A 262 -1.54 -34.71 8.81
N ASN A 263 -2.10 -35.32 9.85
CA ASN A 263 -2.33 -34.67 11.13
C ASN A 263 -1.46 -35.32 12.19
N LEU A 264 -0.63 -34.50 12.85
CA LEU A 264 0.13 -34.91 14.02
C LEU A 264 -0.41 -34.23 15.26
N SER A 265 -0.15 -34.82 16.41
CA SER A 265 -0.58 -34.24 17.67
C SER A 265 0.46 -34.59 18.73
N GLY A 266 0.46 -33.81 19.80
CA GLY A 266 1.37 -34.08 20.89
C GLY A 266 1.33 -33.00 21.94
N GLN A 267 2.32 -33.06 22.83
CA GLN A 267 2.46 -32.11 23.92
C GLN A 267 3.92 -31.68 23.97
N THR A 268 4.17 -30.41 24.28
CA THR A 268 5.52 -29.87 24.32
C THR A 268 6.25 -30.31 25.58
N ASP A 269 7.48 -29.81 25.72
CA ASP A 269 8.38 -30.21 26.79
C ASP A 269 8.86 -29.00 27.57
N LYS A 270 9.89 -29.19 28.41
CA LYS A 270 10.47 -28.07 29.14
C LYS A 270 11.22 -27.11 28.23
N THR A 271 11.73 -27.61 27.10
CA THR A 271 12.28 -26.72 26.07
C THR A 271 11.18 -25.90 25.40
N GLY A 272 10.00 -26.49 25.24
CA GLY A 272 8.87 -25.77 24.69
C GLY A 272 8.59 -26.01 23.22
N CYS A 273 9.40 -26.81 22.55
CA CYS A 273 9.22 -27.10 21.13
C CYS A 273 8.84 -28.57 20.97
N PHE A 274 7.85 -28.84 20.11
CA PHE A 274 7.38 -30.19 19.84
C PHE A 274 7.81 -30.58 18.42
N SER A 275 8.47 -31.72 18.30
CA SER A 275 9.05 -32.16 17.03
C SER A 275 8.51 -33.52 16.63
N ALA A 276 8.39 -33.72 15.31
CA ALA A 276 7.87 -34.96 14.75
C ALA A 276 8.42 -35.16 13.35
N PRO A 277 8.71 -36.39 12.93
CA PRO A 277 9.15 -36.61 11.55
C PRO A 277 7.99 -36.82 10.60
N VAL A 278 8.10 -36.21 9.42
CA VAL A 278 7.10 -36.31 8.36
C VAL A 278 7.77 -36.91 7.14
N ASP A 279 7.19 -37.99 6.63
CA ASP A 279 7.61 -38.60 5.37
C ASP A 279 6.67 -38.17 4.25
N MET A 280 7.24 -37.92 3.07
CA MET A 280 6.47 -37.47 1.92
C MET A 280 6.01 -38.61 1.03
N ALA A 281 5.73 -39.78 1.60
CA ALA A 281 4.95 -40.78 0.88
C ALA A 281 3.49 -40.35 0.76
N THR A 282 3.01 -39.52 1.69
CA THR A 282 1.64 -39.02 1.61
C THR A 282 1.49 -37.98 0.50
N PHE A 283 2.44 -37.06 0.39
CA PHE A 283 2.30 -35.95 -0.54
C PHE A 283 2.66 -36.38 -1.96
N ASP A 284 2.26 -35.54 -2.92
CA ASP A 284 2.45 -35.81 -4.34
C ASP A 284 3.90 -35.56 -4.70
N LEU A 285 4.72 -36.59 -4.59
CA LEU A 285 6.12 -36.55 -4.98
C LEU A 285 6.40 -37.46 -6.18
N ILE A 286 5.35 -37.86 -6.89
CA ILE A 286 5.51 -38.76 -8.04
C ILE A 286 5.64 -37.98 -9.33
N GLY A 287 4.74 -37.05 -9.58
CA GLY A 287 4.77 -36.27 -10.80
C GLY A 287 3.99 -34.99 -10.66
N TYR A 288 3.40 -34.55 -11.77
CA TYR A 288 2.64 -33.30 -11.83
C TYR A 288 1.15 -33.63 -11.72
N ALA A 289 0.70 -33.82 -10.47
CA ALA A 289 -0.71 -34.09 -10.18
C ALA A 289 -1.35 -33.00 -9.35
N TYR A 290 -0.75 -32.66 -8.21
CA TYR A 290 -1.23 -31.58 -7.36
C TYR A 290 -0.23 -30.43 -7.40
N SER A 291 -0.54 -29.37 -6.64
CA SER A 291 0.37 -28.25 -6.52
C SER A 291 1.51 -28.60 -5.58
N HIS A 292 2.72 -28.17 -5.95
CA HIS A 292 3.91 -28.45 -5.15
C HIS A 292 4.11 -27.31 -4.13
N GLN A 293 3.19 -27.25 -3.18
CA GLN A 293 3.15 -26.15 -2.22
C GLN A 293 2.46 -26.67 -0.96
N ILE A 294 3.24 -26.97 0.07
CA ILE A 294 2.71 -27.58 1.28
C ILE A 294 2.34 -26.49 2.28
N ASN A 295 1.16 -26.64 2.88
CA ASN A 295 0.65 -25.71 3.88
C ASN A 295 0.70 -26.39 5.25
N ILE A 296 1.35 -25.75 6.20
CA ILE A 296 1.47 -26.26 7.57
C ILE A 296 0.70 -25.32 8.47
N VAL A 297 -0.28 -25.84 9.19
CA VAL A 297 -1.08 -25.07 10.13
C VAL A 297 -0.98 -25.73 11.49
N ALA A 298 -0.46 -25.01 12.47
CA ALA A 298 -0.31 -25.51 13.83
C ALA A 298 -1.28 -24.78 14.75
N THR A 299 -1.91 -25.54 15.64
CA THR A 299 -2.82 -24.99 16.63
C THR A 299 -2.35 -25.45 18.00
N VAL A 300 -2.05 -24.49 18.87
CA VAL A 300 -1.58 -24.81 20.22
C VAL A 300 -2.63 -24.33 21.21
N VAL A 301 -3.12 -25.25 22.02
CA VAL A 301 -4.04 -24.95 23.10
C VAL A 301 -3.25 -24.94 24.40
N GLU A 302 -3.32 -23.83 25.13
CA GLU A 302 -2.69 -23.76 26.44
C GLU A 302 -3.46 -24.60 27.44
N GLU A 303 -2.75 -25.21 28.37
CA GLU A 303 -3.38 -26.10 29.35
C GLU A 303 -4.12 -25.29 30.40
N GLY A 304 -5.29 -25.78 30.80
CA GLY A 304 -6.10 -25.11 31.79
C GLY A 304 -6.94 -23.98 31.25
N THR A 305 -6.28 -22.93 30.75
CA THR A 305 -6.98 -21.76 30.24
C THR A 305 -7.70 -22.05 28.93
N GLY A 306 -7.04 -22.79 28.04
CA GLY A 306 -7.68 -23.20 26.80
C GLY A 306 -7.67 -22.20 25.68
N VAL A 307 -6.91 -21.11 25.80
CA VAL A 307 -6.78 -20.15 24.71
C VAL A 307 -5.86 -20.75 23.65
N GLU A 308 -6.27 -20.65 22.39
CA GLU A 308 -5.57 -21.30 21.29
C GLU A 308 -4.87 -20.27 20.43
N ALA A 309 -3.79 -20.70 19.78
CA ALA A 309 -3.12 -19.90 18.77
C ALA A 309 -2.89 -20.73 17.52
N ASN A 310 -2.93 -20.05 16.38
CA ASN A 310 -2.70 -20.63 15.07
C ASN A 310 -1.35 -20.17 14.53
N ALA A 311 -0.81 -20.95 13.60
CA ALA A 311 0.45 -20.61 12.94
C ALA A 311 0.45 -21.23 11.56
N THR A 312 0.55 -20.41 10.53
CA THR A 312 0.57 -20.92 9.17
C THR A 312 1.98 -20.82 8.58
N GLN A 313 2.22 -21.66 7.59
CA GLN A 313 3.49 -21.65 6.85
C GLN A 313 3.25 -22.24 5.47
N ASN A 314 3.58 -21.48 4.44
CA ASN A 314 3.44 -21.91 3.06
C ASN A 314 4.84 -22.18 2.51
N ILE A 315 5.16 -23.45 2.24
CA ILE A 315 6.49 -23.84 1.79
C ILE A 315 6.38 -24.37 0.37
N TYR A 316 7.10 -23.75 -0.55
CA TYR A 316 7.19 -24.28 -1.90
C TYR A 316 8.13 -25.47 -1.94
N ILE A 317 7.71 -26.52 -2.62
CA ILE A 317 8.56 -27.70 -2.82
C ILE A 317 9.57 -27.36 -3.91
N SER A 318 10.84 -27.28 -3.53
CA SER A 318 11.87 -26.82 -4.45
C SER A 318 12.33 -27.97 -5.35
N PRO A 319 12.24 -27.84 -6.68
CA PRO A 319 12.73 -28.91 -7.55
C PRO A 319 14.17 -28.73 -8.00
N GLN A 320 14.87 -27.75 -7.43
CA GLN A 320 16.28 -27.52 -7.78
C GLN A 320 17.14 -27.98 -6.61
N MET A 321 18.17 -28.79 -6.91
CA MET A 321 19.12 -29.17 -5.88
C MET A 321 20.10 -28.04 -5.61
N GLY A 322 20.40 -27.22 -6.63
CA GLY A 322 21.32 -26.11 -6.45
C GLY A 322 21.03 -25.00 -7.45
N SER A 323 21.71 -23.88 -7.23
CA SER A 323 21.58 -22.71 -8.09
C SER A 323 22.84 -21.88 -7.97
N MET A 324 23.48 -21.59 -9.09
CA MET A 324 24.65 -20.73 -9.12
C MET A 324 24.46 -19.59 -10.09
N THR A 325 24.99 -18.43 -9.73
CA THR A 325 24.81 -17.18 -10.48
C THR A 325 26.14 -16.49 -10.67
N PHE A 326 26.13 -15.44 -11.49
CA PHE A 326 27.27 -14.55 -11.67
C PHE A 326 27.01 -13.30 -10.83
N GLU A 327 27.50 -13.29 -9.59
CA GLU A 327 27.19 -12.15 -8.73
C GLU A 327 28.15 -10.98 -8.97
N ASP A 328 29.45 -11.25 -9.18
CA ASP A 328 30.44 -10.22 -9.46
C ASP A 328 31.11 -10.59 -10.77
N THR A 329 30.47 -10.20 -11.88
CA THR A 329 31.03 -10.37 -13.21
C THR A 329 30.55 -9.20 -14.06
N SER A 330 31.45 -8.64 -14.86
CA SER A 330 31.06 -7.54 -15.74
C SER A 330 30.32 -8.07 -16.96
N ASN A 331 29.59 -7.17 -17.61
CA ASN A 331 28.88 -7.45 -18.84
C ASN A 331 29.81 -7.46 -20.05
N PHE A 332 31.02 -6.94 -19.91
CA PHE A 332 31.90 -6.62 -21.03
C PHE A 332 33.31 -7.09 -20.72
N TYR A 333 34.08 -7.33 -21.78
CA TYR A 333 35.48 -7.72 -21.64
C TYR A 333 36.37 -6.80 -22.47
N HIS A 334 37.56 -6.54 -21.95
CA HIS A 334 38.58 -5.83 -22.71
C HIS A 334 39.32 -6.82 -23.60
N PRO A 335 39.41 -6.57 -24.92
CA PRO A 335 40.10 -7.51 -25.81
C PRO A 335 41.61 -7.52 -25.59
N ASN A 336 42.19 -8.70 -25.82
CA ASN A 336 43.62 -9.03 -25.64
C ASN A 336 44.12 -8.71 -24.23
N PHE A 337 43.27 -8.92 -23.23
CA PHE A 337 43.57 -8.59 -21.84
C PHE A 337 42.76 -9.55 -20.97
N PRO A 338 43.28 -9.94 -19.80
CA PRO A 338 42.61 -10.99 -19.02
C PRO A 338 41.31 -10.54 -18.37
N PHE A 339 40.42 -11.51 -18.20
CA PHE A 339 39.09 -11.31 -17.65
C PHE A 339 38.99 -12.02 -16.30
N SER A 340 38.22 -11.44 -15.39
CA SER A 340 38.07 -11.99 -14.05
C SER A 340 36.60 -11.98 -13.66
N GLY A 341 36.24 -12.90 -12.74
CA GLY A 341 34.87 -12.96 -12.27
C GLY A 341 34.73 -13.93 -11.12
N LYS A 342 33.60 -13.79 -10.42
CA LYS A 342 33.26 -14.66 -9.30
C LYS A 342 31.98 -15.41 -9.64
N ILE A 343 31.86 -16.63 -9.11
CA ILE A 343 30.65 -17.44 -9.25
C ILE A 343 30.23 -17.90 -7.87
N ARG A 344 28.98 -17.64 -7.50
CA ARG A 344 28.47 -17.94 -6.16
C ARG A 344 27.51 -19.12 -6.27
N VAL A 345 27.88 -20.26 -5.69
CA VAL A 345 27.19 -21.52 -5.91
C VAL A 345 26.40 -21.90 -4.67
N ARG A 346 25.07 -21.86 -4.78
CA ARG A 346 24.15 -22.00 -3.65
C ARG A 346 23.39 -23.32 -3.77
N GLY A 347 23.07 -23.92 -2.62
CA GLY A 347 22.34 -25.17 -2.58
C GLY A 347 20.83 -24.99 -2.65
N HIS A 348 20.10 -25.91 -2.03
CA HIS A 348 18.64 -25.91 -2.14
C HIS A 348 17.92 -25.28 -0.96
N ASP A 349 18.43 -25.42 0.27
CA ASP A 349 17.77 -24.82 1.44
C ASP A 349 18.80 -24.01 2.24
N ASP A 350 19.07 -22.80 1.74
CA ASP A 350 19.97 -21.80 2.35
C ASP A 350 21.38 -22.33 2.62
N SER A 351 21.84 -23.28 1.81
CA SER A 351 23.12 -23.94 2.00
C SER A 351 24.04 -23.54 0.87
N PHE A 352 25.34 -23.61 1.13
CA PHE A 352 26.30 -23.04 0.20
C PHE A 352 27.36 -24.09 -0.08
N LEU A 353 27.58 -24.40 -1.35
CA LEU A 353 28.44 -25.53 -1.70
C LEU A 353 29.91 -25.17 -1.56
N LYS A 354 30.65 -26.02 -0.85
CA LYS A 354 32.06 -25.82 -0.58
C LYS A 354 32.88 -26.87 -1.31
N ASN A 355 33.95 -26.40 -1.99
CA ASN A 355 34.86 -27.21 -2.82
C ASN A 355 34.13 -27.99 -3.91
N HIS A 356 33.11 -27.37 -4.50
CA HIS A 356 32.26 -28.07 -5.43
C HIS A 356 32.80 -27.92 -6.86
N LEU A 357 32.52 -28.94 -7.68
CA LEU A 357 32.90 -28.93 -9.08
C LEU A 357 32.05 -27.94 -9.85
N VAL A 358 32.69 -27.15 -10.71
CA VAL A 358 32.01 -26.17 -11.56
C VAL A 358 32.46 -26.43 -13.00
N PHE A 359 31.50 -26.68 -13.88
CA PHE A 359 31.74 -26.97 -15.30
C PHE A 359 31.50 -25.69 -16.07
N LEU A 360 32.58 -24.99 -16.42
CA LEU A 360 32.46 -23.71 -17.13
C LEU A 360 32.71 -23.99 -18.61
N VAL A 361 31.84 -23.47 -19.46
CA VAL A 361 31.97 -23.62 -20.89
C VAL A 361 31.77 -22.25 -21.53
N ILE A 362 32.55 -21.96 -22.56
CA ILE A 362 32.49 -20.67 -23.23
C ILE A 362 32.14 -20.87 -24.69
N TYR A 363 31.14 -20.12 -25.16
CA TYR A 363 30.68 -20.18 -26.53
C TYR A 363 31.16 -18.94 -27.26
N GLY A 364 31.57 -19.10 -28.51
CA GLY A 364 31.92 -17.97 -29.33
C GLY A 364 32.07 -18.38 -30.77
N THR A 365 32.47 -17.40 -31.59
CA THR A 365 32.66 -17.65 -33.02
C THR A 365 33.86 -18.54 -33.29
N ASN A 366 34.83 -18.58 -32.38
CA ASN A 366 35.91 -19.56 -32.45
C ASN A 366 35.40 -20.95 -32.11
N GLY A 367 34.36 -21.07 -31.29
CA GLY A 367 33.81 -22.36 -30.95
C GLY A 367 33.48 -22.43 -29.47
N THR A 368 33.40 -23.66 -28.96
CA THR A 368 33.09 -23.92 -27.56
C THR A 368 34.31 -24.49 -26.87
N PHE A 369 34.77 -23.79 -25.82
CA PHE A 369 35.95 -24.22 -25.08
C PHE A 369 35.58 -24.56 -23.64
N ASN A 370 36.43 -25.37 -23.02
CA ASN A 370 36.14 -26.10 -21.79
C ASN A 370 36.96 -25.54 -20.63
N GLN A 371 36.37 -25.53 -19.43
CA GLN A 371 37.07 -25.15 -18.21
C GLN A 371 36.47 -25.89 -17.03
N THR A 372 37.32 -26.34 -16.11
CA THR A 372 36.89 -26.98 -14.89
C THR A 372 37.34 -26.15 -13.69
N LEU A 373 36.54 -26.17 -12.63
CA LEU A 373 36.83 -25.28 -11.51
C LEU A 373 36.39 -25.94 -10.20
N VAL A 374 37.08 -25.56 -9.12
CA VAL A 374 36.69 -25.95 -7.77
C VAL A 374 36.63 -24.71 -6.90
N THR A 375 35.66 -24.68 -5.99
CA THR A 375 35.47 -23.53 -5.11
C THR A 375 36.26 -23.71 -3.83
N ASP A 376 36.15 -22.73 -2.93
CA ASP A 376 36.77 -22.79 -1.62
C ASP A 376 35.70 -23.10 -0.57
N ASN A 377 36.07 -23.03 0.71
CA ASN A 377 35.17 -23.33 1.82
C ASN A 377 34.28 -22.15 2.23
N ASN A 378 34.26 -21.06 1.45
CA ASN A 378 33.29 -19.99 1.64
C ASN A 378 32.13 -20.17 0.67
N GLY A 379 32.41 -20.63 -0.55
CA GLY A 379 31.41 -20.72 -1.60
C GLY A 379 31.68 -19.79 -2.77
N LEU A 380 32.67 -18.91 -2.67
CA LEU A 380 33.11 -18.13 -3.82
C LEU A 380 33.83 -19.04 -4.81
N ALA A 381 33.71 -18.72 -6.09
CA ALA A 381 34.33 -19.49 -7.16
C ALA A 381 35.04 -18.53 -8.10
N PRO A 382 36.34 -18.37 -7.94
CA PRO A 382 37.10 -17.47 -8.82
C PRO A 382 37.66 -17.94 -10.18
N PHE A 383 37.33 -17.17 -11.21
CA PHE A 383 37.90 -17.50 -12.52
C PHE A 383 38.58 -16.27 -13.11
N THR A 384 39.81 -16.48 -13.57
CA THR A 384 40.56 -15.51 -14.34
C THR A 384 41.07 -16.19 -15.59
N LEU A 385 40.76 -15.63 -16.75
CA LEU A 385 41.03 -16.27 -18.03
C LEU A 385 41.61 -15.25 -19.00
N GLU A 386 41.97 -15.73 -20.18
CA GLU A 386 42.59 -14.91 -21.22
C GLU A 386 41.65 -14.77 -22.40
N THR A 387 41.46 -13.53 -22.85
CA THR A 387 40.60 -13.22 -23.99
C THR A 387 41.41 -12.88 -25.24
N SER A 388 42.59 -13.49 -25.40
CA SER A 388 43.40 -13.21 -26.58
C SER A 388 42.83 -13.89 -27.82
N GLY A 389 42.29 -15.09 -27.65
CA GLY A 389 41.72 -15.82 -28.78
C GLY A 389 40.29 -15.48 -29.12
N TRP A 390 39.66 -14.56 -28.39
CA TRP A 390 38.26 -14.25 -28.64
C TRP A 390 38.06 -13.32 -29.82
N ASN A 391 39.14 -12.66 -30.28
CA ASN A 391 39.27 -11.67 -31.36
C ASN A 391 38.15 -10.65 -31.47
N GLY A 392 37.70 -10.14 -30.32
CA GLY A 392 36.68 -9.10 -30.27
C GLY A 392 35.29 -9.51 -30.74
N THR A 393 34.82 -10.68 -30.30
CA THR A 393 33.50 -11.17 -30.67
C THR A 393 32.64 -11.35 -29.42
N ASP A 394 31.33 -11.42 -29.63
CA ASP A 394 30.39 -11.65 -28.54
C ASP A 394 30.50 -13.10 -28.09
N VAL A 395 30.82 -13.30 -26.81
CA VAL A 395 30.97 -14.64 -26.27
C VAL A 395 29.84 -14.89 -25.26
N SER A 396 29.73 -16.15 -24.84
CA SER A 396 28.72 -16.55 -23.87
C SER A 396 29.37 -17.39 -22.78
N LEU A 397 29.27 -16.92 -21.56
CA LEU A 397 29.67 -17.65 -20.36
C LEU A 397 28.54 -18.59 -19.99
N GLU A 398 28.88 -19.86 -19.70
CA GLU A 398 27.88 -20.78 -19.20
C GLU A 398 28.50 -21.63 -18.09
N GLY A 399 27.76 -21.79 -17.00
CA GLY A 399 28.23 -22.59 -15.89
C GLY A 399 27.24 -23.64 -15.45
N LYS A 400 27.69 -24.89 -15.33
CA LYS A 400 26.87 -26.02 -14.92
C LYS A 400 27.53 -26.71 -13.73
N PHE A 401 26.84 -27.71 -13.20
CA PHE A 401 27.26 -28.36 -11.96
C PHE A 401 28.27 -29.49 -12.20
N GLN A 402 27.87 -30.49 -12.97
CA GLN A 402 28.77 -31.60 -13.31
C GLN A 402 28.79 -31.77 -14.82
N MET A 403 29.52 -32.82 -15.26
CA MET A 403 29.63 -33.11 -16.69
C MET A 403 28.31 -33.60 -17.27
N GLU A 404 27.60 -34.44 -16.51
CA GLU A 404 26.30 -34.94 -16.93
C GLU A 404 25.20 -34.01 -16.42
N ASP A 405 23.95 -34.44 -16.59
CA ASP A 405 22.79 -33.73 -16.06
C ASP A 405 21.73 -34.75 -15.66
N LEU A 406 20.87 -34.35 -14.74
CA LEU A 406 19.74 -35.19 -14.37
C LEU A 406 18.68 -35.14 -15.48
N VAL A 407 17.97 -36.25 -15.63
CA VAL A 407 17.04 -36.43 -16.74
C VAL A 407 15.76 -35.65 -16.46
N TYR A 408 15.36 -34.81 -17.39
CA TYR A 408 14.11 -34.04 -17.30
C TYR A 408 12.98 -34.94 -17.77
N ASN A 409 12.44 -35.72 -16.84
CA ASN A 409 11.34 -36.62 -17.16
C ASN A 409 10.03 -35.83 -17.28
N PRO A 410 9.30 -35.96 -18.39
CA PRO A 410 8.03 -35.23 -18.52
C PRO A 410 6.87 -35.87 -17.78
N GLU A 411 7.04 -37.07 -17.23
CA GLU A 411 5.99 -37.73 -16.46
C GLU A 411 6.31 -37.87 -14.99
N GLN A 412 7.54 -37.64 -14.57
CA GLN A 412 7.95 -37.72 -13.17
C GLN A 412 8.23 -36.32 -12.63
N VAL A 413 8.70 -36.28 -11.39
CA VAL A 413 9.09 -35.01 -10.76
C VAL A 413 10.42 -34.59 -11.35
N PRO A 414 10.52 -33.39 -11.95
CA PRO A 414 11.80 -32.96 -12.50
C PRO A 414 12.72 -32.43 -11.41
N ARG A 415 14.00 -32.79 -11.52
CA ARG A 415 15.05 -32.31 -10.63
C ARG A 415 16.13 -31.70 -11.52
N TYR A 416 15.95 -30.43 -11.88
CA TYR A 416 16.87 -29.74 -12.77
C TYR A 416 17.70 -28.74 -11.98
N TYR A 417 18.76 -28.26 -12.63
CA TYR A 417 19.69 -27.32 -12.04
C TYR A 417 19.41 -25.92 -12.54
N GLN A 418 20.16 -24.94 -12.03
CA GLN A 418 20.10 -23.56 -12.48
C GLN A 418 21.47 -23.22 -13.07
N ASN A 419 21.64 -23.53 -14.35
CA ASN A 419 22.89 -23.27 -15.04
C ASN A 419 22.99 -21.78 -15.37
N ALA A 420 24.08 -21.15 -14.95
CA ALA A 420 24.21 -19.70 -15.11
C ALA A 420 24.63 -19.36 -16.53
N TYR A 421 24.04 -18.31 -17.08
CA TYR A 421 24.30 -17.85 -18.43
C TYR A 421 24.62 -16.36 -18.41
N LEU A 422 25.60 -15.96 -19.20
CA LEU A 422 25.97 -14.56 -19.34
C LEU A 422 26.42 -14.31 -20.77
N HIS A 423 26.08 -13.14 -21.30
CA HIS A 423 26.48 -12.75 -22.64
C HIS A 423 27.45 -11.58 -22.55
N LEU A 424 28.63 -11.71 -23.14
CA LEU A 424 29.66 -10.67 -23.08
C LEU A 424 29.88 -10.09 -24.48
N ARG A 425 29.90 -8.77 -24.56
CA ARG A 425 30.18 -7.93 -25.69
C ARG A 425 31.49 -7.19 -25.46
N PRO A 426 32.39 -7.13 -26.46
CA PRO A 426 33.69 -6.48 -26.24
C PRO A 426 33.58 -4.97 -26.14
N PHE A 427 34.54 -4.39 -25.42
CA PHE A 427 34.73 -2.95 -25.38
C PHE A 427 35.18 -2.44 -26.74
N TYR A 428 34.86 -1.16 -27.03
CA TYR A 428 35.27 -0.52 -28.28
C TYR A 428 36.78 -0.34 -28.28
N SER A 429 37.47 -1.16 -29.06
CA SER A 429 38.94 -1.22 -29.03
C SER A 429 39.51 -0.19 -29.99
N THR A 430 39.48 1.07 -29.54
CA THR A 430 40.19 2.13 -30.22
C THR A 430 41.61 2.32 -29.68
N THR A 431 41.99 1.55 -28.67
CA THR A 431 43.31 1.62 -28.08
C THR A 431 43.73 0.24 -27.59
N ARG A 432 45.02 0.09 -27.34
CA ARG A 432 45.60 -1.16 -26.88
C ARG A 432 46.06 -1.07 -25.43
N SER A 433 45.29 -0.38 -24.60
CA SER A 433 45.59 -0.20 -23.19
C SER A 433 44.52 -0.85 -22.34
N PHE A 434 44.86 -1.12 -21.08
CA PHE A 434 43.97 -1.85 -20.18
C PHE A 434 43.70 -1.04 -18.93
N LEU A 435 42.44 -1.11 -18.47
CA LEU A 435 42.02 -0.46 -17.23
C LEU A 435 40.95 -1.33 -16.61
N GLY A 436 41.21 -1.84 -15.41
CA GLY A 436 40.28 -2.75 -14.76
C GLY A 436 40.12 -2.42 -13.30
N ILE A 437 38.96 -2.75 -12.75
CA ILE A 437 38.67 -2.54 -11.34
C ILE A 437 38.37 -3.88 -10.69
N HIS A 438 39.12 -4.20 -9.63
CA HIS A 438 38.76 -5.30 -8.75
C HIS A 438 37.58 -4.88 -7.87
N ARG A 439 36.56 -5.73 -7.80
CA ARG A 439 35.33 -5.39 -7.10
C ARG A 439 35.46 -5.60 -5.60
N LEU A 440 34.43 -5.18 -4.87
CA LEU A 440 34.39 -5.26 -3.41
C LEU A 440 33.16 -6.01 -2.89
N ASN A 441 32.98 -7.24 -3.39
CA ASN A 441 31.93 -8.23 -3.08
C ASN A 441 30.51 -7.67 -2.93
N GLY A 442 29.76 -8.15 -1.94
CA GLY A 442 28.36 -7.82 -1.79
C GLY A 442 28.11 -6.56 -0.98
N PRO A 443 27.47 -6.71 0.18
CA PRO A 443 26.96 -5.54 0.90
C PRO A 443 27.93 -4.71 1.76
N LEU A 444 28.21 -3.50 1.26
CA LEU A 444 29.20 -2.62 1.84
C LEU A 444 28.57 -1.78 2.95
N LYS A 445 29.32 -1.57 4.03
CA LYS A 445 28.81 -0.83 5.17
C LYS A 445 28.84 0.67 4.89
N CYS A 446 27.75 1.34 5.22
CA CYS A 446 27.61 2.77 4.95
C CYS A 446 28.35 3.60 5.99
N GLY A 447 28.95 4.70 5.52
CA GLY A 447 29.68 5.62 6.37
C GLY A 447 31.16 5.33 6.49
N GLN A 448 31.54 4.05 6.49
CA GLN A 448 32.96 3.71 6.61
C GLN A 448 33.67 3.96 5.28
N PRO A 449 34.89 4.48 5.30
CA PRO A 449 35.64 4.63 4.05
C PRO A 449 36.20 3.31 3.55
N GLN A 450 35.85 2.96 2.32
CA GLN A 450 36.31 1.75 1.65
C GLN A 450 37.42 2.11 0.67
N GLU A 451 38.16 1.08 0.27
CA GLU A 451 39.33 1.20 -0.58
C GLU A 451 39.15 0.30 -1.78
N VAL A 452 39.35 0.85 -2.98
CA VAL A 452 39.25 0.07 -4.21
C VAL A 452 40.64 -0.03 -4.81
N LEU A 453 40.92 -1.17 -5.45
CA LEU A 453 42.18 -1.44 -6.13
C LEU A 453 41.89 -1.51 -7.62
N VAL A 454 42.56 -0.65 -8.38
CA VAL A 454 42.30 -0.45 -9.80
C VAL A 454 43.62 -0.51 -10.57
N ASP A 455 43.68 -1.41 -11.56
CA ASP A 455 44.92 -1.67 -12.26
C ASP A 455 44.84 -1.22 -13.70
N TYR A 456 46.00 -1.06 -14.31
CA TYR A 456 46.12 -0.38 -15.58
C TYR A 456 47.35 -0.90 -16.32
N TYR A 457 47.35 -0.69 -17.63
CA TYR A 457 48.53 -0.94 -18.46
C TYR A 457 48.44 0.01 -19.64
N ILE A 458 49.35 0.97 -19.71
CA ILE A 458 49.43 1.89 -20.84
C ILE A 458 50.43 1.33 -21.83
N ASP A 459 49.97 1.07 -23.04
CA ASP A 459 50.87 0.64 -24.10
C ASP A 459 51.68 1.85 -24.58
N PRO A 460 53.02 1.76 -24.62
CA PRO A 460 53.85 2.90 -25.00
C PRO A 460 54.11 2.99 -26.51
N ALA A 461 53.04 2.90 -27.31
CA ALA A 461 53.15 3.16 -28.73
C ALA A 461 52.03 4.01 -29.31
N ASP A 462 50.92 4.20 -28.59
CA ASP A 462 49.84 5.07 -29.04
C ASP A 462 49.70 6.26 -28.09
N ALA A 463 49.85 6.03 -26.78
CA ALA A 463 49.60 7.09 -25.81
C ALA A 463 50.77 8.06 -25.72
N SER A 464 52.00 7.58 -26.04
CA SER A 464 53.32 8.22 -26.10
C SER A 464 53.86 8.47 -24.68
N PRO A 465 55.18 8.36 -24.45
CA PRO A 465 55.67 8.37 -23.06
C PRO A 465 55.71 9.74 -22.39
N ASP A 466 55.84 10.82 -23.16
CA ASP A 466 56.21 12.11 -22.58
C ASP A 466 55.06 12.78 -21.83
N GLN A 467 53.83 12.37 -22.10
CA GLN A 467 52.67 12.94 -21.42
C GLN A 467 52.38 12.11 -20.17
N GLU A 468 52.39 12.78 -19.02
CA GLU A 468 51.93 12.18 -17.78
C GLU A 468 50.43 11.94 -17.84
N ILE A 469 50.02 10.68 -17.68
CA ILE A 469 48.64 10.32 -17.93
C ILE A 469 47.82 10.65 -16.70
N SER A 470 46.51 10.80 -16.87
CA SER A 470 45.61 11.05 -15.76
C SER A 470 44.37 10.18 -15.90
N PHE A 471 43.98 9.55 -14.81
CA PHE A 471 42.83 8.67 -14.75
C PHE A 471 41.73 9.42 -14.01
N SER A 472 40.58 9.58 -14.66
CA SER A 472 39.48 10.35 -14.08
C SER A 472 38.44 9.38 -13.53
N TYR A 473 38.12 9.52 -12.26
CA TYR A 473 37.22 8.61 -11.56
C TYR A 473 35.97 9.36 -11.14
N TYR A 474 34.81 8.77 -11.47
CA TYR A 474 33.49 9.31 -11.15
C TYR A 474 32.76 8.27 -10.32
N LEU A 475 32.26 8.68 -9.16
CA LEU A 475 31.36 7.87 -8.36
C LEU A 475 29.97 8.47 -8.49
N ILE A 476 29.08 7.73 -9.15
CA ILE A 476 27.76 8.20 -9.55
C ILE A 476 26.71 7.42 -8.77
N GLY A 477 25.82 8.13 -8.09
CA GLY A 477 24.76 7.51 -7.31
C GLY A 477 23.42 8.16 -7.50
N LYS A 478 22.39 7.34 -7.78
CA LYS A 478 20.99 7.74 -8.03
C LYS A 478 20.87 8.74 -9.18
N GLY A 479 21.66 8.52 -10.23
CA GLY A 479 21.63 9.36 -11.42
C GLY A 479 22.15 10.77 -11.22
N SER A 480 23.20 10.91 -10.42
CA SER A 480 23.78 12.21 -10.13
C SER A 480 25.24 12.03 -9.78
N LEU A 481 26.06 12.99 -10.21
CA LEU A 481 27.50 12.96 -9.98
C LEU A 481 27.78 13.22 -8.51
N VAL A 482 28.07 12.16 -7.76
CA VAL A 482 28.23 12.30 -6.32
C VAL A 482 29.65 12.72 -5.97
N MET A 483 30.65 11.91 -6.35
CA MET A 483 32.02 12.24 -5.97
C MET A 483 32.94 12.16 -7.18
N GLU A 484 33.86 13.10 -7.29
CA GLU A 484 34.60 13.35 -8.52
C GLU A 484 36.08 13.22 -8.26
N GLY A 485 36.86 13.03 -9.32
CA GLY A 485 38.28 13.27 -9.17
C GLY A 485 39.07 12.84 -10.37
N GLN A 486 40.37 13.14 -10.31
CA GLN A 486 41.33 12.80 -11.35
C GLN A 486 42.69 12.63 -10.71
N LYS A 487 43.42 11.59 -11.08
CA LYS A 487 44.74 11.30 -10.52
C LYS A 487 45.77 11.20 -11.64
N HIS A 488 46.89 11.89 -11.47
CA HIS A 488 47.96 11.91 -12.46
C HIS A 488 49.03 10.89 -12.09
N LEU A 489 49.40 10.05 -13.07
CA LEU A 489 50.47 9.08 -12.92
C LEU A 489 51.42 9.20 -14.10
N ASN A 490 52.72 9.13 -13.80
CA ASN A 490 53.75 9.33 -14.80
C ASN A 490 53.88 8.12 -15.71
N SER A 491 53.90 8.36 -17.02
CA SER A 491 54.03 7.31 -18.02
C SER A 491 55.32 7.48 -18.84
N LYS A 492 56.32 8.13 -18.25
CA LYS A 492 57.58 8.39 -18.93
C LYS A 492 58.47 7.15 -18.98
N LYS A 493 58.18 6.13 -18.18
CA LYS A 493 59.01 4.95 -18.04
C LYS A 493 58.74 3.88 -19.10
N LYS A 494 57.88 4.18 -20.09
CA LYS A 494 57.29 3.23 -21.05
C LYS A 494 56.62 2.08 -20.30
N GLY A 495 55.54 2.45 -19.60
CA GLY A 495 55.09 1.70 -18.45
C GLY A 495 54.45 0.37 -18.78
N LEU A 496 54.47 -0.50 -17.78
CA LEU A 496 53.94 -1.85 -17.83
C LEU A 496 52.69 -1.92 -16.95
N LYS A 497 52.17 -3.13 -16.76
CA LYS A 497 50.93 -3.35 -16.02
C LYS A 497 51.16 -3.09 -14.54
N ALA A 498 50.58 -2.00 -14.04
CA ALA A 498 50.71 -1.60 -12.64
C ALA A 498 49.31 -1.44 -12.05
N SER A 499 49.27 -0.99 -10.81
CA SER A 499 48.00 -0.81 -10.12
C SER A 499 48.13 0.33 -9.12
N PHE A 500 46.98 0.89 -8.75
CA PHE A 500 46.91 1.89 -7.69
C PHE A 500 45.56 1.73 -6.99
N SER A 501 45.29 2.65 -6.06
CA SER A 501 44.14 2.52 -5.18
C SER A 501 43.38 3.84 -5.11
N LEU A 502 42.09 3.74 -4.79
CA LEU A 502 41.26 4.92 -4.59
C LEU A 502 40.44 4.76 -3.32
N SER A 503 40.20 5.88 -2.64
CA SER A 503 39.39 5.87 -1.42
C SER A 503 38.00 6.38 -1.74
N LEU A 504 36.97 5.60 -1.37
CA LEU A 504 35.59 5.96 -1.63
C LEU A 504 34.80 5.83 -0.34
N THR A 505 33.91 6.79 -0.09
CA THR A 505 33.00 6.71 1.04
C THR A 505 31.58 6.69 0.54
N PHE A 506 30.81 5.68 0.95
CA PHE A 506 29.43 5.53 0.52
C PHE A 506 28.50 6.04 1.63
N THR A 507 27.62 6.96 1.25
CA THR A 507 26.69 7.62 2.15
C THR A 507 25.26 7.31 1.69
N SER A 508 24.30 8.01 2.31
CA SER A 508 22.89 7.85 1.93
C SER A 508 22.59 8.49 0.59
N ARG A 509 23.41 9.45 0.15
CA ARG A 509 23.29 10.01 -1.18
C ARG A 509 23.67 8.99 -2.25
N LEU A 510 24.60 8.09 -1.93
CA LEU A 510 24.88 6.97 -2.81
C LEU A 510 23.75 5.96 -2.75
N ALA A 511 23.53 5.28 -3.87
CA ALA A 511 22.40 4.40 -4.08
C ALA A 511 22.59 3.09 -3.32
N PRO A 512 21.55 2.25 -3.25
CA PRO A 512 21.81 0.82 -3.03
C PRO A 512 22.66 0.18 -4.13
N ASP A 513 22.57 0.66 -5.37
CA ASP A 513 23.43 0.20 -6.47
C ASP A 513 24.15 1.32 -7.23
N PRO A 514 25.12 1.99 -6.58
CA PRO A 514 25.86 3.07 -7.27
C PRO A 514 26.89 2.51 -8.23
N SER A 515 27.31 3.35 -9.16
CA SER A 515 28.27 2.96 -10.19
C SER A 515 29.51 3.83 -10.09
N LEU A 516 30.57 3.38 -10.76
CA LEU A 516 31.86 4.05 -10.70
C LEU A 516 32.63 3.80 -11.98
N VAL A 517 33.02 4.89 -12.64
CA VAL A 517 33.67 4.87 -13.96
C VAL A 517 35.05 5.50 -13.82
N ILE A 518 36.08 4.79 -14.29
CA ILE A 518 37.40 5.39 -14.50
C ILE A 518 37.64 5.42 -16.00
N TYR A 519 37.93 6.60 -16.53
CA TYR A 519 38.34 6.71 -17.92
C TYR A 519 39.73 7.33 -18.00
N ALA A 520 40.28 7.26 -19.22
CA ALA A 520 41.54 7.88 -19.57
C ALA A 520 41.51 8.24 -21.04
N ILE A 521 41.85 9.49 -21.34
CA ILE A 521 41.89 10.00 -22.70
C ILE A 521 43.34 10.10 -23.12
N PHE A 522 43.64 9.62 -24.31
CA PHE A 522 44.96 9.65 -24.92
C PHE A 522 45.04 10.77 -25.95
N PRO A 523 46.26 11.24 -26.27
CA PRO A 523 46.38 12.31 -27.29
C PRO A 523 46.00 11.92 -28.72
N SER A 524 45.85 10.63 -29.02
CA SER A 524 45.27 10.21 -30.28
C SER A 524 43.74 10.21 -30.26
N GLY A 525 43.13 10.56 -29.13
CA GLY A 525 41.69 10.54 -28.99
C GLY A 525 41.12 9.27 -28.43
N GLY A 526 41.95 8.24 -28.25
CA GLY A 526 41.45 6.97 -27.73
C GLY A 526 41.22 7.05 -26.23
N VAL A 527 40.17 6.38 -25.80
CA VAL A 527 39.77 6.32 -24.40
C VAL A 527 39.87 4.87 -23.94
N VAL A 528 40.47 4.66 -22.78
CA VAL A 528 40.39 3.37 -22.10
C VAL A 528 39.62 3.59 -20.80
N ALA A 529 38.61 2.76 -20.56
CA ALA A 529 37.67 3.06 -19.49
C ALA A 529 37.04 1.77 -18.98
N ASP A 530 36.52 1.87 -17.76
CA ASP A 530 35.87 0.73 -17.11
C ASP A 530 34.89 1.26 -16.08
N LYS A 531 33.71 0.64 -16.05
CA LYS A 531 32.62 1.00 -15.15
C LYS A 531 32.19 -0.24 -14.39
N ILE A 532 32.15 -0.15 -13.06
CA ILE A 532 31.59 -1.22 -12.24
C ILE A 532 30.43 -0.66 -11.43
N GLN A 533 29.66 -1.58 -10.83
CA GLN A 533 28.59 -1.25 -9.92
C GLN A 533 28.88 -1.83 -8.55
N PHE A 534 28.30 -1.22 -7.53
CA PHE A 534 28.52 -1.64 -6.15
C PHE A 534 27.23 -2.18 -5.54
N SER A 535 27.30 -2.49 -4.26
CA SER A 535 26.13 -2.92 -3.49
C SER A 535 26.29 -2.36 -2.08
N VAL A 536 25.64 -1.24 -1.81
CA VAL A 536 25.65 -0.61 -0.50
C VAL A 536 24.31 -0.90 0.15
N GLU A 537 24.33 -1.14 1.47
CA GLU A 537 23.11 -1.34 2.20
C GLU A 537 22.34 -0.02 2.31
N MET A 538 21.04 -0.13 2.49
CA MET A 538 20.12 0.99 2.35
C MET A 538 20.25 1.90 3.55
N CYS A 539 20.89 3.04 3.34
CA CYS A 539 21.41 3.87 4.41
C CYS A 539 20.57 5.11 4.62
N PHE A 540 20.60 5.60 5.85
CA PHE A 540 20.11 6.91 6.21
C PHE A 540 21.30 7.74 6.68
N ASP A 541 21.30 9.02 6.32
CA ASP A 541 22.43 9.89 6.67
C ASP A 541 22.44 10.25 8.14
N ASN A 542 21.32 10.12 8.83
CA ASN A 542 21.21 10.36 10.26
C ASN A 542 21.25 9.00 10.95
N GLN A 543 22.36 8.71 11.63
CA GLN A 543 22.49 7.45 12.34
C GLN A 543 21.75 7.55 13.67
N VAL A 544 20.66 6.79 13.78
CA VAL A 544 19.79 6.82 14.95
C VAL A 544 19.93 5.51 15.71
N SER A 545 20.30 5.60 16.98
CA SER A 545 20.40 4.44 17.86
C SER A 545 19.38 4.63 18.97
N LEU A 546 18.40 3.74 19.04
CA LEU A 546 17.45 3.72 20.13
C LEU A 546 17.84 2.60 21.09
N GLY A 547 18.16 2.96 22.33
CA GLY A 547 18.61 1.96 23.27
C GLY A 547 17.90 2.01 24.60
N PHE A 548 17.83 0.88 25.29
CA PHE A 548 17.22 0.78 26.60
C PHE A 548 18.27 0.35 27.62
N SER A 549 18.21 0.94 28.81
CA SER A 549 19.07 0.56 29.91
C SER A 549 18.18 0.24 31.10
N PRO A 550 18.26 -0.96 31.68
CA PRO A 550 19.16 -2.07 31.36
C PRO A 550 18.57 -3.09 30.40
N SER A 551 17.55 -2.69 29.62
CA SER A 551 16.86 -3.41 28.53
C SER A 551 16.06 -4.63 28.98
N GLN A 552 16.00 -4.94 30.28
CA GLN A 552 15.16 -6.03 30.79
C GLN A 552 14.87 -5.69 32.26
N GLN A 553 13.68 -5.16 32.53
CA GLN A 553 13.36 -4.62 33.83
C GLN A 553 12.02 -5.18 34.28
N LEU A 554 11.84 -5.27 35.60
CA LEU A 554 10.54 -5.55 36.18
C LEU A 554 9.56 -4.44 35.83
N PRO A 555 8.29 -4.76 35.55
CA PRO A 555 7.33 -3.71 35.15
C PRO A 555 6.94 -2.84 36.34
N GLY A 556 6.92 -1.53 36.10
CA GLY A 556 6.67 -0.55 37.13
C GLY A 556 7.89 0.26 37.53
N ALA A 557 9.08 -0.20 37.16
CA ALA A 557 10.31 0.54 37.43
C ALA A 557 10.73 1.32 36.21
N GLU A 558 11.63 2.29 36.42
CA GLU A 558 12.06 3.16 35.34
C GLU A 558 13.18 2.53 34.53
N VAL A 559 13.23 2.88 33.24
CA VAL A 559 14.33 2.52 32.36
C VAL A 559 14.85 3.79 31.71
N GLU A 560 16.11 3.73 31.28
CA GLU A 560 16.75 4.83 30.60
C GLU A 560 16.63 4.61 29.10
N LEU A 561 15.90 5.49 28.42
CA LEU A 561 15.78 5.44 26.98
C LEU A 561 16.78 6.42 26.38
N GLN A 562 17.66 5.93 25.51
CA GLN A 562 18.71 6.75 24.91
C GLN A 562 18.45 6.85 23.42
N LEU A 563 18.30 8.08 22.93
CA LEU A 563 18.08 8.36 21.53
C LEU A 563 19.32 9.05 20.98
N GLN A 564 19.93 8.46 19.94
CA GLN A 564 21.11 9.03 19.32
C GLN A 564 20.78 9.35 17.87
N ALA A 565 21.06 10.60 17.47
CA ALA A 565 20.80 11.04 16.11
C ALA A 565 21.74 12.22 15.81
N ALA A 566 21.42 12.93 14.73
CA ALA A 566 22.13 14.16 14.42
C ALA A 566 21.75 15.24 15.43
N PRO A 567 22.63 16.22 15.68
CA PRO A 567 22.22 17.36 16.51
C PRO A 567 21.16 18.22 15.82
N GLY A 568 20.26 18.77 16.63
CA GLY A 568 19.14 19.53 16.12
C GLY A 568 18.11 18.66 15.42
N SER A 569 17.74 17.54 16.04
CA SER A 569 16.82 16.59 15.45
C SER A 569 15.53 16.51 16.27
N LEU A 570 14.45 16.16 15.59
CA LEU A 570 13.20 15.77 16.23
C LEU A 570 13.07 14.27 16.07
N CYS A 571 13.06 13.56 17.19
CA CYS A 571 12.99 12.11 17.20
C CYS A 571 11.60 11.67 17.62
N ALA A 572 10.89 11.02 16.71
CA ALA A 572 9.56 10.49 16.96
C ALA A 572 9.71 9.04 17.42
N LEU A 573 9.18 8.75 18.59
CA LEU A 573 9.37 7.46 19.24
C LEU A 573 8.04 6.71 19.35
N ARG A 574 8.07 5.42 19.05
CA ARG A 574 6.90 4.56 19.18
C ARG A 574 7.31 3.32 19.95
N ALA A 575 6.62 3.05 21.05
CA ALA A 575 6.80 1.83 21.81
C ALA A 575 5.45 1.14 21.90
N VAL A 576 5.40 -0.12 21.49
CA VAL A 576 4.14 -0.84 21.38
C VAL A 576 4.31 -2.20 22.04
N ASP A 577 3.18 -2.82 22.41
CA ASP A 577 3.21 -4.15 22.96
C ASP A 577 3.44 -5.16 21.84
N GLU A 578 4.00 -6.32 22.18
CA GLU A 578 4.20 -7.35 21.17
C GLU A 578 2.89 -8.05 20.84
N SER A 579 1.95 -8.07 21.80
CA SER A 579 0.72 -8.84 21.67
C SER A 579 -0.20 -8.25 20.61
N VAL A 580 -0.25 -6.91 20.52
CA VAL A 580 -1.04 -6.25 19.49
C VAL A 580 -0.40 -6.43 18.12
N LEU A 581 0.91 -6.68 18.07
CA LEU A 581 1.53 -7.14 16.84
C LEU A 581 1.22 -8.61 16.58
N LEU A 582 0.90 -9.39 17.62
CA LEU A 582 0.57 -10.79 17.40
C LEU A 582 -0.86 -10.98 16.89
N LEU A 583 -1.76 -10.03 17.18
CA LEU A 583 -3.03 -10.06 16.44
C LEU A 583 -2.85 -9.77 14.94
N ARG A 584 -2.39 -8.58 14.59
CA ARG A 584 -2.15 -8.24 13.21
C ARG A 584 -0.73 -7.73 13.03
N PRO A 585 -0.06 -8.04 11.92
CA PRO A 585 1.22 -7.38 11.63
C PRO A 585 0.98 -5.93 11.23
N ASP A 586 1.71 -5.02 11.85
CA ASP A 586 1.58 -3.60 11.55
C ASP A 586 2.23 -3.26 10.21
N ARG A 587 1.96 -2.04 9.75
CA ARG A 587 2.59 -1.55 8.53
C ARG A 587 4.08 -1.33 8.79
N GLU A 588 4.91 -1.84 7.89
CA GLU A 588 6.35 -1.91 8.12
C GLU A 588 7.00 -0.54 7.95
N LEU A 589 8.02 -0.30 8.77
CA LEU A 589 8.82 0.93 8.70
C LEU A 589 10.27 0.50 8.86
N SER A 590 10.92 0.22 7.73
CA SER A 590 12.31 -0.18 7.70
C SER A 590 12.97 0.49 6.50
N ASN A 591 14.21 0.08 6.21
CA ASN A 591 14.94 0.69 5.10
C ASN A 591 14.40 0.23 3.75
N ARG A 592 13.77 -0.95 3.69
CA ARG A 592 13.06 -1.37 2.50
C ARG A 592 11.85 -0.49 2.22
N SER A 593 11.14 -0.07 3.27
CA SER A 593 9.90 0.68 3.12
C SER A 593 10.15 2.13 2.71
N VAL A 594 11.16 2.77 3.31
CA VAL A 594 11.45 4.17 3.00
C VAL A 594 12.04 4.32 1.60
N TYR A 595 12.98 3.43 1.24
CA TYR A 595 13.55 3.43 -0.10
C TYR A 595 12.56 2.92 -1.15
N GLY A 596 11.51 2.20 -0.73
CA GLY A 596 10.64 1.56 -1.70
C GLY A 596 9.68 2.49 -2.42
N MET A 597 9.24 3.55 -1.76
CA MET A 597 8.26 4.44 -2.38
C MET A 597 8.87 5.43 -3.36
N PHE A 598 10.19 5.58 -3.36
CA PHE A 598 10.86 6.54 -4.24
C PHE A 598 11.09 6.17 -5.71
N PRO A 599 11.86 5.12 -6.04
CA PRO A 599 12.76 5.22 -7.21
C PRO A 599 12.10 5.05 -8.56
N PHE A 600 12.53 5.90 -9.50
CA PHE A 600 12.17 5.78 -10.90
C PHE A 600 13.36 6.03 -11.82
N TRP A 601 14.57 6.05 -11.28
CA TRP A 601 15.79 6.32 -12.02
C TRP A 601 16.46 5.05 -12.56
N TYR A 602 15.77 3.92 -12.47
CA TYR A 602 16.39 2.58 -12.56
C TYR A 602 16.81 2.29 -13.99
N GLY A 603 18.02 2.75 -14.31
CA GLY A 603 18.64 2.45 -15.59
C GLY A 603 19.05 3.65 -16.41
N HIS A 604 18.41 3.79 -17.57
CA HIS A 604 18.90 4.65 -18.63
C HIS A 604 18.29 6.05 -18.50
N TYR A 605 18.40 6.82 -19.58
CA TYR A 605 17.79 8.14 -19.67
C TYR A 605 16.26 8.02 -19.70
N PRO A 606 15.53 9.06 -19.29
CA PRO A 606 14.08 9.09 -19.48
C PRO A 606 13.69 9.11 -20.95
N TYR A 607 12.49 8.61 -21.24
CA TYR A 607 12.07 8.39 -22.61
C TYR A 607 11.68 9.68 -23.33
N GLN A 608 11.44 10.77 -22.60
CA GLN A 608 11.17 12.04 -23.25
C GLN A 608 12.43 12.71 -23.78
N VAL A 609 13.61 12.28 -23.34
CA VAL A 609 14.84 13.03 -23.51
C VAL A 609 15.94 12.20 -24.15
N ALA A 610 15.77 10.89 -24.27
CA ALA A 610 16.80 10.01 -24.82
C ALA A 610 16.70 10.02 -26.34
N GLU A 611 17.67 10.65 -27.00
CA GLU A 611 17.80 10.62 -28.45
C GLU A 611 19.01 9.77 -28.80
N TYR A 612 18.80 8.74 -29.62
CA TYR A 612 19.85 7.85 -30.04
C TYR A 612 19.86 7.76 -31.56
N ASP A 613 21.01 7.36 -32.10
CA ASP A 613 21.16 7.08 -33.52
C ASP A 613 21.21 5.57 -33.72
N GLN A 614 20.37 5.06 -34.62
CA GLN A 614 20.25 3.62 -34.83
C GLN A 614 19.76 3.39 -36.25
N CYS A 615 20.09 2.23 -36.81
CA CYS A 615 19.64 1.84 -38.13
C CYS A 615 18.14 1.58 -38.17
N THR A 651 29.55 -1.51 -26.73
CA THR A 651 29.94 -1.11 -25.37
C THR A 651 31.08 -0.10 -25.42
N ASP A 652 30.82 1.11 -24.93
CA ASP A 652 31.76 2.21 -25.01
C ASP A 652 31.57 3.08 -23.77
N LEU A 653 32.11 4.29 -23.81
CA LEU A 653 31.93 5.23 -22.69
C LEU A 653 30.53 5.82 -22.68
N PHE A 654 29.91 5.95 -23.86
CA PHE A 654 28.54 6.43 -23.94
C PHE A 654 27.55 5.46 -23.32
N SER A 655 27.75 4.16 -23.51
CA SER A 655 26.91 3.16 -22.85
C SER A 655 27.22 3.05 -21.37
N PHE A 656 28.47 3.36 -20.98
CA PHE A 656 28.85 3.38 -19.56
C PHE A 656 28.10 4.49 -18.82
N PHE A 657 28.02 5.67 -19.43
CA PHE A 657 27.30 6.75 -18.80
C PHE A 657 25.79 6.65 -18.99
N ARG A 658 25.35 5.99 -20.06
CA ARG A 658 23.93 5.76 -20.28
C ARG A 658 23.38 4.71 -19.31
N ASP A 659 24.22 3.76 -18.90
CA ASP A 659 23.78 2.72 -17.98
C ASP A 659 23.56 3.22 -16.56
N VAL A 660 24.10 4.38 -16.21
CA VAL A 660 23.84 5.02 -14.93
C VAL A 660 22.89 6.20 -15.08
N GLY A 661 22.61 6.61 -16.31
CA GLY A 661 21.74 7.76 -16.52
C GLY A 661 22.47 9.06 -16.27
N LEU A 662 23.48 9.35 -17.08
CA LEU A 662 24.27 10.56 -16.94
C LEU A 662 24.50 11.15 -18.33
N LYS A 663 24.07 12.39 -18.52
CA LYS A 663 24.23 13.04 -19.82
C LYS A 663 25.66 13.49 -20.02
N ILE A 664 26.15 13.31 -21.24
CA ILE A 664 27.57 13.38 -21.53
C ILE A 664 27.74 13.80 -22.98
N LEU A 665 28.67 14.72 -23.23
CA LEU A 665 28.97 15.09 -24.61
C LEU A 665 30.42 15.48 -24.74
N SER A 666 30.98 15.22 -25.92
CA SER A 666 32.39 15.48 -26.22
C SER A 666 32.56 15.58 -27.73
N ASN A 667 33.81 15.80 -28.15
CA ASN A 667 34.20 15.67 -29.54
C ASN A 667 35.18 14.53 -29.77
N ALA A 668 35.63 13.87 -28.70
CA ALA A 668 36.61 12.80 -28.81
C ALA A 668 35.96 11.50 -29.27
N LYS A 669 36.78 10.46 -29.38
CA LYS A 669 36.32 9.13 -29.79
C LYS A 669 35.94 8.31 -28.55
N ILE A 670 34.95 8.83 -27.82
CA ILE A 670 34.41 8.14 -26.66
C ILE A 670 33.20 7.28 -26.98
N LYS A 671 32.69 7.35 -28.20
CA LYS A 671 31.49 6.64 -28.60
C LYS A 671 31.84 5.63 -29.67
N LYS A 672 31.39 4.40 -29.48
CA LYS A 672 31.51 3.38 -30.52
C LYS A 672 30.63 3.75 -31.70
N PRO A 673 31.08 3.52 -32.94
CA PRO A 673 30.23 3.75 -34.12
C PRO A 673 29.04 2.81 -34.15
N VAL A 674 27.96 3.30 -34.77
CA VAL A 674 26.64 2.69 -34.62
C VAL A 674 26.54 1.41 -35.45
N ASP A 675 26.10 0.33 -34.82
CA ASP A 675 25.82 -0.93 -35.48
C ASP A 675 24.36 -0.98 -35.89
N CYS A 676 24.05 -1.93 -36.77
CA CYS A 676 22.70 -2.10 -37.28
C CYS A 676 21.94 -3.24 -36.60
N SER A 677 22.46 -3.75 -35.49
CA SER A 677 21.79 -4.83 -34.76
C SER A 677 20.60 -4.30 -33.97
N ASP A 708 7.57 -5.09 48.23
CA ASP A 708 7.45 -6.42 47.63
C ASP A 708 6.19 -6.53 46.77
N SER A 709 5.08 -6.04 47.31
CA SER A 709 3.82 -6.05 46.58
C SER A 709 3.83 -4.98 45.49
N GLN A 710 2.99 -5.20 44.48
CA GLN A 710 2.92 -4.29 43.33
C GLN A 710 1.52 -4.33 42.76
N VAL A 711 0.88 -3.16 42.69
CA VAL A 711 -0.45 -3.06 42.11
C VAL A 711 -0.33 -2.75 40.62
N ARG A 712 -1.10 -3.49 39.80
CA ARG A 712 -0.88 -3.51 38.35
C ARG A 712 -2.10 -2.91 37.63
N GLN A 713 -2.12 -1.58 37.49
CA GLN A 713 -3.01 -0.90 36.56
C GLN A 713 -2.20 -0.09 35.57
N TYR A 714 -2.59 -0.14 34.31
CA TYR A 714 -1.63 -0.06 33.21
C TYR A 714 -2.37 0.11 31.89
N PHE A 715 -1.62 0.46 30.84
CA PHE A 715 -2.20 0.66 29.50
C PHE A 715 -1.50 -0.29 28.53
N PRO A 716 -2.26 -1.24 27.94
CA PRO A 716 -1.65 -2.33 27.16
C PRO A 716 -1.40 -2.02 25.68
N GLU A 717 -1.55 -0.76 25.31
CA GLU A 717 -1.76 -0.49 23.91
C GLU A 717 -0.58 0.24 23.29
N THR A 718 -0.20 1.38 23.86
CA THR A 718 0.94 2.13 23.37
C THR A 718 1.64 2.74 24.57
N TRP A 719 2.89 2.36 24.78
CA TRP A 719 3.67 2.94 25.87
C TRP A 719 4.07 4.38 25.56
N LEU A 720 4.87 4.57 24.51
CA LEU A 720 5.52 5.84 24.26
C LEU A 720 5.08 6.40 22.92
N TRP A 721 4.55 7.61 22.93
CA TRP A 721 4.21 8.36 21.72
C TRP A 721 4.63 9.81 21.91
N ASP A 722 5.87 10.02 22.33
CA ASP A 722 6.37 11.37 22.60
C ASP A 722 7.43 11.73 21.57
N LEU A 723 7.32 12.93 21.01
CA LEU A 723 8.42 13.49 20.24
C LEU A 723 9.49 14.01 21.19
N PHE A 724 10.74 14.00 20.73
CA PHE A 724 11.84 14.43 21.56
C PHE A 724 12.74 15.38 20.77
N PRO A 725 13.12 16.52 21.34
CA PRO A 725 14.15 17.35 20.70
C PRO A 725 15.55 16.89 21.07
N ILE A 726 16.44 16.93 20.09
CA ILE A 726 17.83 16.51 20.26
C ILE A 726 18.70 17.76 20.32
N GLY A 727 19.52 17.87 21.36
CA GLY A 727 20.41 18.99 21.51
C GLY A 727 21.66 18.86 20.65
N ASN A 728 22.65 19.69 20.97
CA ASN A 728 23.86 19.76 20.18
C ASN A 728 24.79 18.57 20.41
N SER A 729 24.57 17.80 21.48
CA SER A 729 25.39 16.62 21.73
C SER A 729 25.05 15.46 20.79
N GLY A 730 23.83 15.43 20.25
CA GLY A 730 23.39 14.34 19.41
C GLY A 730 22.76 13.18 20.16
N LYS A 731 22.75 13.21 21.49
CA LYS A 731 22.19 12.14 22.29
C LYS A 731 21.26 12.73 23.34
N GLU A 732 20.14 12.04 23.58
CA GLU A 732 19.19 12.46 24.60
C GLU A 732 18.77 11.25 25.40
N ALA A 733 18.92 11.33 26.71
CA ALA A 733 18.58 10.23 27.62
C ALA A 733 17.42 10.67 28.50
N VAL A 734 16.38 9.84 28.57
CA VAL A 734 15.20 10.13 29.37
C VAL A 734 14.90 8.93 30.26
N HIS A 735 14.13 9.18 31.31
CA HIS A 735 13.65 8.13 32.20
C HIS A 735 12.18 7.89 31.93
N VAL A 736 11.84 6.66 31.54
CA VAL A 736 10.45 6.31 31.24
C VAL A 736 10.06 5.09 32.07
N THR A 737 8.82 5.08 32.53
CA THR A 737 8.32 4.04 33.42
C THR A 737 7.67 2.94 32.58
N VAL A 738 8.10 1.70 32.81
CA VAL A 738 7.56 0.55 32.09
C VAL A 738 6.14 0.26 32.58
N PRO A 739 5.18 0.05 31.68
CA PRO A 739 3.81 -0.28 32.12
C PRO A 739 3.74 -1.67 32.74
N ASP A 740 2.73 -1.86 33.58
CA ASP A 740 2.64 -3.03 34.46
C ASP A 740 2.09 -4.22 33.67
N ALA A 741 2.97 -4.81 32.86
CA ALA A 741 2.63 -5.94 32.01
C ALA A 741 3.82 -6.88 31.95
N ILE A 742 3.56 -8.16 31.74
CA ILE A 742 4.65 -9.11 31.52
C ILE A 742 4.67 -9.41 30.03
N THR A 743 5.52 -8.72 29.29
CA THR A 743 5.45 -8.76 27.83
C THR A 743 6.79 -8.31 27.25
N GLU A 744 6.82 -8.11 25.94
CA GLU A 744 7.91 -7.45 25.25
C GLU A 744 7.37 -6.19 24.60
N TRP A 745 7.99 -5.06 24.88
CA TRP A 745 7.66 -3.80 24.24
C TRP A 745 8.62 -3.60 23.08
N LYS A 746 8.09 -3.66 21.87
CA LYS A 746 8.89 -3.37 20.69
C LYS A 746 8.88 -1.87 20.47
N ALA A 747 10.05 -1.26 20.46
CA ALA A 747 10.19 0.18 20.31
C ALA A 747 11.03 0.50 19.09
N MET A 748 10.70 1.60 18.44
CA MET A 748 11.34 2.04 17.22
C MET A 748 11.22 3.55 17.18
N SER A 749 12.12 4.20 16.45
CA SER A 749 12.10 5.65 16.39
C SER A 749 12.60 6.10 15.03
N PHE A 750 12.17 7.28 14.63
CA PHE A 750 12.70 7.91 13.44
C PHE A 750 12.93 9.39 13.71
N CYS A 751 14.06 9.91 13.28
CA CYS A 751 14.44 11.27 13.62
C CYS A 751 14.62 12.10 12.37
N THR A 752 14.62 13.42 12.58
CA THR A 752 14.77 14.37 11.48
C THR A 752 15.70 15.49 11.88
N SER A 753 16.78 15.66 11.12
CA SER A 753 17.54 16.89 11.07
C SER A 753 17.42 17.46 9.66
N GLN A 754 17.32 18.79 9.57
CA GLN A 754 17.26 19.42 8.25
C GLN A 754 18.62 19.41 7.56
N SER A 755 19.71 19.36 8.33
CA SER A 755 21.04 19.36 7.75
C SER A 755 21.42 17.98 7.22
N ARG A 756 21.45 16.99 8.10
CA ARG A 756 21.88 15.65 7.70
C ARG A 756 20.79 14.92 6.92
N GLY A 757 19.63 14.76 7.52
CA GLY A 757 18.50 14.16 6.84
C GLY A 757 17.73 13.24 7.76
N PHE A 758 16.90 12.42 7.15
CA PHE A 758 16.06 11.47 7.87
C PHE A 758 16.88 10.32 8.44
N GLY A 759 16.49 9.84 9.62
CA GLY A 759 17.07 8.67 10.20
C GLY A 759 16.00 7.70 10.67
N LEU A 760 16.43 6.47 10.96
CA LEU A 760 15.51 5.41 11.35
C LEU A 760 16.26 4.39 12.20
N SER A 761 15.78 4.17 13.41
CA SER A 761 16.41 3.20 14.28
C SER A 761 15.99 1.78 13.92
N PRO A 762 16.83 0.78 14.18
CA PRO A 762 16.36 -0.60 14.16
C PRO A 762 15.40 -0.85 15.32
N THR A 763 14.48 -1.78 15.11
CA THR A 763 13.45 -2.07 16.09
C THR A 763 14.04 -2.85 17.27
N VAL A 764 14.05 -2.24 18.44
CA VAL A 764 14.61 -2.86 19.62
C VAL A 764 13.48 -3.33 20.51
N GLY A 765 13.82 -4.09 21.55
CA GLY A 765 12.82 -4.66 22.42
C GLY A 765 13.19 -4.50 23.87
N LEU A 766 12.16 -4.34 24.70
CA LEU A 766 12.30 -4.29 26.15
C LEU A 766 11.42 -5.39 26.74
N THR A 767 12.05 -6.40 27.32
CA THR A 767 11.31 -7.50 27.93
C THR A 767 10.97 -7.12 29.36
N ALA A 768 9.69 -6.81 29.61
CA ALA A 768 9.20 -6.55 30.95
C ALA A 768 8.77 -7.87 31.56
N PHE A 769 9.48 -8.30 32.59
CA PHE A 769 9.30 -9.64 33.13
C PHE A 769 9.37 -9.61 34.65
N LYS A 770 8.46 -10.36 35.27
CA LYS A 770 8.46 -10.68 36.68
C LYS A 770 8.51 -12.20 36.83
N PRO A 771 9.22 -12.73 37.84
CA PRO A 771 9.31 -14.19 37.97
C PRO A 771 8.01 -14.90 38.34
N PHE A 772 7.27 -14.38 39.33
CA PHE A 772 6.06 -15.01 39.82
C PHE A 772 4.92 -14.00 39.71
N PHE A 773 3.87 -14.35 38.96
CA PHE A 773 2.80 -13.40 38.72
C PHE A 773 1.49 -14.12 38.37
N VAL A 774 0.49 -13.30 38.00
CA VAL A 774 -0.88 -13.71 37.73
C VAL A 774 -1.23 -13.26 36.32
N ASP A 775 -1.93 -14.11 35.56
CA ASP A 775 -2.54 -13.70 34.30
C ASP A 775 -4.01 -14.09 34.35
N LEU A 776 -4.86 -13.27 33.74
CA LEU A 776 -6.29 -13.56 33.68
C LEU A 776 -6.72 -13.87 32.25
N THR A 777 -7.41 -14.99 32.09
CA THR A 777 -8.11 -15.33 30.87
C THR A 777 -9.58 -14.96 31.09
N LEU A 778 -10.00 -13.91 30.40
CA LEU A 778 -11.35 -13.36 30.46
C LEU A 778 -11.68 -12.74 29.12
N PRO A 779 -12.91 -12.89 28.64
CA PRO A 779 -13.32 -12.18 27.44
C PRO A 779 -13.51 -10.70 27.72
N TYR A 780 -13.40 -9.90 26.66
CA TYR A 780 -13.52 -8.47 26.89
C TYR A 780 -14.99 -8.04 26.97
N SER A 781 -15.90 -8.80 26.36
CA SER A 781 -17.33 -8.57 26.48
C SER A 781 -17.97 -9.72 27.24
N VAL A 782 -18.72 -9.39 28.30
CA VAL A 782 -19.54 -10.35 29.02
C VAL A 782 -20.97 -9.84 28.98
N VAL A 783 -21.87 -10.64 28.40
CA VAL A 783 -23.28 -10.29 28.45
C VAL A 783 -23.81 -10.50 29.86
N ARG A 784 -24.68 -9.58 30.30
CA ARG A 784 -25.11 -9.52 31.69
C ARG A 784 -26.09 -10.65 32.00
N GLY A 785 -26.21 -10.95 33.29
CA GLY A 785 -27.25 -11.85 33.74
C GLY A 785 -26.85 -13.30 33.86
N GLU A 786 -26.01 -13.80 32.96
CA GLU A 786 -25.62 -15.20 32.98
C GLU A 786 -24.13 -15.34 33.23
N SER A 787 -23.71 -16.57 33.48
CA SER A 787 -22.37 -16.85 33.94
C SER A 787 -21.39 -16.97 32.77
N PHE A 788 -20.13 -16.67 33.07
CA PHE A 788 -19.02 -16.90 32.15
C PHE A 788 -17.83 -17.38 32.95
N ARG A 789 -16.92 -18.08 32.29
CA ARG A 789 -15.77 -18.64 32.98
C ARG A 789 -14.61 -17.64 33.00
N LEU A 790 -14.06 -17.42 34.18
CA LEU A 790 -12.86 -16.62 34.37
C LEU A 790 -11.76 -17.55 34.86
N THR A 791 -10.61 -17.50 34.20
CA THR A 791 -9.49 -18.37 34.54
C THR A 791 -8.33 -17.53 35.04
N ALA A 792 -7.85 -17.86 36.23
CA ALA A 792 -6.70 -17.17 36.80
C ALA A 792 -5.51 -18.13 36.75
N THR A 793 -4.56 -17.87 35.86
CA THR A 793 -3.39 -18.72 35.72
C THR A 793 -2.19 -18.08 36.42
N ILE A 794 -1.63 -18.79 37.39
CA ILE A 794 -0.51 -18.31 38.17
C ILE A 794 0.76 -18.89 37.58
N PHE A 795 1.75 -18.03 37.32
CA PHE A 795 2.98 -18.41 36.66
C PHE A 795 4.15 -18.27 37.62
N ASN A 796 4.97 -19.32 37.69
CA ASN A 796 6.21 -19.32 38.47
C ASN A 796 7.37 -19.64 37.54
N TYR A 797 8.34 -18.74 37.50
CA TYR A 797 9.56 -18.90 36.71
C TYR A 797 10.81 -18.82 37.58
N LEU A 798 10.67 -19.04 38.88
CA LEU A 798 11.80 -19.06 39.79
C LEU A 798 12.45 -20.45 39.77
N LYS A 799 13.37 -20.70 40.70
CA LYS A 799 14.10 -21.96 40.75
C LYS A 799 13.80 -22.73 42.04
N ASP A 800 12.62 -22.52 42.61
CA ASP A 800 12.23 -23.22 43.83
C ASP A 800 10.75 -23.56 43.75
N CYS A 801 10.32 -24.46 44.64
CA CYS A 801 8.92 -24.83 44.74
C CYS A 801 8.26 -23.96 45.81
N ILE A 802 7.17 -23.29 45.45
CA ILE A 802 6.57 -22.25 46.28
C ILE A 802 5.11 -22.60 46.54
N ARG A 803 4.64 -22.30 47.74
CA ARG A 803 3.23 -22.48 48.08
C ARG A 803 2.51 -21.16 47.85
N VAL A 804 1.83 -21.05 46.71
CA VAL A 804 1.13 -19.81 46.40
C VAL A 804 -0.21 -19.78 47.14
N GLN A 805 -0.81 -18.59 47.19
CA GLN A 805 -2.13 -18.40 47.80
C GLN A 805 -2.84 -17.31 46.99
N THR A 806 -3.85 -17.73 46.24
CA THR A 806 -4.61 -16.79 45.44
C THR A 806 -5.89 -16.36 46.14
N ASP A 807 -6.27 -15.11 45.89
CA ASP A 807 -7.45 -14.48 46.50
C ASP A 807 -8.11 -13.62 45.43
N LEU A 808 -9.28 -14.05 44.97
CA LEU A 808 -10.11 -13.19 44.14
C LEU A 808 -10.87 -12.23 45.03
N ALA A 809 -10.84 -10.94 44.68
CA ALA A 809 -11.54 -9.94 45.48
C ALA A 809 -13.04 -10.01 45.25
N LYS A 810 -13.78 -9.42 46.18
CA LYS A 810 -15.24 -9.46 46.16
C LYS A 810 -15.77 -8.04 46.00
N SER A 811 -16.71 -7.86 45.07
CA SER A 811 -17.37 -6.57 44.90
C SER A 811 -18.83 -6.82 44.57
N HIS A 812 -19.61 -5.74 44.60
CA HIS A 812 -21.03 -5.81 44.30
C HIS A 812 -21.32 -5.81 42.80
N GLU A 813 -20.34 -5.51 41.96
CA GLU A 813 -20.57 -5.44 40.52
C GLU A 813 -20.65 -6.81 39.86
N TYR A 814 -20.15 -7.86 40.52
CA TYR A 814 -20.24 -9.21 40.01
C TYR A 814 -20.54 -10.15 41.16
N GLN A 815 -20.83 -11.41 40.83
CA GLN A 815 -21.08 -12.40 41.86
C GLN A 815 -20.56 -13.75 41.40
N LEU A 816 -20.34 -14.64 42.38
CA LEU A 816 -19.83 -15.96 42.13
C LEU A 816 -20.64 -16.97 42.91
N GLU A 817 -20.73 -18.20 42.38
CA GLU A 817 -21.52 -19.26 43.00
C GLU A 817 -20.64 -20.26 43.73
N SER A 818 -19.58 -19.75 44.36
CA SER A 818 -18.69 -20.47 45.29
C SER A 818 -17.99 -21.66 44.63
N TRP A 819 -17.18 -21.35 43.61
CA TRP A 819 -16.22 -22.32 43.07
C TRP A 819 -14.99 -22.27 43.98
N ALA A 820 -15.09 -23.05 45.07
CA ALA A 820 -14.16 -23.14 46.20
C ALA A 820 -13.94 -21.81 46.94
N ASP A 821 -14.90 -20.87 46.80
CA ASP A 821 -15.10 -19.57 47.45
C ASP A 821 -13.85 -18.78 47.84
N SER A 822 -12.90 -18.69 46.89
CA SER A 822 -11.58 -18.06 47.03
C SER A 822 -10.75 -18.59 48.19
N GLN A 823 -9.70 -17.83 48.55
CA GLN A 823 -8.72 -18.14 49.60
C GLN A 823 -8.06 -19.51 49.37
N THR A 824 -7.42 -19.63 48.21
CA THR A 824 -6.96 -20.93 47.72
C THR A 824 -5.44 -21.00 47.86
N SER A 825 -4.97 -21.81 48.80
CA SER A 825 -3.54 -22.02 49.03
C SER A 825 -3.13 -23.36 48.47
N SER A 826 -2.12 -23.36 47.60
CA SER A 826 -1.74 -24.58 46.90
C SER A 826 -0.27 -24.48 46.49
N CYS A 827 0.38 -25.63 46.40
CA CYS A 827 1.80 -25.68 46.08
C CYS A 827 2.02 -25.76 44.58
N LEU A 828 3.16 -25.22 44.14
CA LEU A 828 3.50 -25.17 42.71
C LEU A 828 5.00 -25.06 42.58
N CYS A 829 5.60 -25.96 41.80
CA CYS A 829 7.05 -26.00 41.68
C CYS A 829 7.52 -25.08 40.55
N ALA A 830 8.80 -25.22 40.19
CA ALA A 830 9.48 -24.27 39.32
C ALA A 830 9.04 -24.42 37.87
N ASP A 831 8.98 -23.28 37.17
CA ASP A 831 8.64 -23.13 35.75
C ASP A 831 7.26 -23.73 35.44
N ASP A 832 6.26 -23.34 36.24
CA ASP A 832 4.97 -24.01 36.21
C ASP A 832 3.82 -23.00 36.20
N ALA A 833 2.70 -23.45 35.64
CA ALA A 833 1.48 -22.66 35.56
C ALA A 833 0.34 -23.44 36.19
N LYS A 834 -0.39 -22.78 37.09
CA LYS A 834 -1.53 -23.40 37.76
C LYS A 834 -2.77 -22.54 37.56
N THR A 835 -3.84 -23.13 37.05
CA THR A 835 -5.05 -22.40 36.72
C THR A 835 -6.14 -22.65 37.76
N HIS A 836 -6.82 -21.59 38.14
CA HIS A 836 -8.04 -21.64 38.93
C HIS A 836 -9.20 -21.19 38.06
N HIS A 837 -10.36 -21.80 38.25
CA HIS A 837 -11.52 -21.53 37.43
C HIS A 837 -12.67 -21.01 38.29
N TRP A 838 -13.37 -20.00 37.79
CA TRP A 838 -14.57 -19.51 38.43
C TRP A 838 -15.64 -19.26 37.37
N ASN A 839 -16.90 -19.37 37.78
CA ASN A 839 -18.03 -19.00 36.92
C ASN A 839 -18.68 -17.76 37.52
N ILE A 840 -18.41 -16.63 36.91
CA ILE A 840 -18.81 -15.33 37.43
C ILE A 840 -20.04 -14.86 36.68
N THR A 841 -21.01 -14.30 37.42
CA THR A 841 -22.16 -13.64 36.83
C THR A 841 -21.99 -12.13 36.95
N ALA A 842 -22.12 -11.44 35.82
CA ALA A 842 -22.01 -9.98 35.79
C ALA A 842 -23.35 -9.36 36.18
N VAL A 843 -23.30 -8.39 37.09
CA VAL A 843 -24.50 -7.74 37.62
C VAL A 843 -24.56 -6.28 37.19
N LYS A 844 -23.47 -5.54 37.38
CA LYS A 844 -23.42 -4.13 37.02
C LYS A 844 -22.98 -3.97 35.57
N LEU A 845 -23.60 -3.03 34.87
CA LEU A 845 -23.27 -2.78 33.48
C LEU A 845 -21.96 -2.01 33.37
N GLY A 846 -21.40 -1.99 32.16
CA GLY A 846 -20.26 -1.15 31.87
C GLY A 846 -18.93 -1.82 32.16
N HIS A 847 -17.90 -0.98 32.29
CA HIS A 847 -16.54 -1.47 32.50
C HIS A 847 -16.35 -1.74 33.99
N ILE A 848 -16.21 -3.01 34.35
CA ILE A 848 -16.02 -3.38 35.75
C ILE A 848 -14.66 -4.03 35.91
N ASN A 849 -14.13 -3.96 37.12
CA ASN A 849 -12.77 -4.36 37.43
C ASN A 849 -12.76 -5.70 38.16
N PHE A 850 -11.97 -6.64 37.64
CA PHE A 850 -11.69 -7.89 38.33
C PHE A 850 -10.33 -7.78 39.01
N THR A 851 -10.31 -7.96 40.32
CA THR A 851 -9.15 -7.69 41.14
C THR A 851 -8.73 -8.98 41.82
N ILE A 852 -7.44 -9.32 41.77
CA ILE A 852 -6.96 -10.54 42.38
C ILE A 852 -5.58 -10.30 42.98
N SER A 853 -5.31 -10.90 44.14
CA SER A 853 -4.02 -10.81 44.80
C SER A 853 -3.51 -12.21 45.13
N THR A 854 -2.24 -12.45 44.82
CA THR A 854 -1.56 -13.68 45.22
C THR A 854 -0.42 -13.35 46.16
N LYS A 855 -0.21 -14.23 47.12
CA LYS A 855 0.88 -14.12 48.07
C LYS A 855 1.63 -15.44 48.12
N ILE A 856 2.90 -15.36 48.52
CA ILE A 856 3.68 -16.56 48.83
C ILE A 856 3.51 -16.86 50.30
N LEU A 857 2.94 -18.03 50.59
CA LEU A 857 2.80 -18.48 51.96
C LEU A 857 4.17 -18.90 52.49
N ASP A 858 4.32 -18.84 53.82
CA ASP A 858 5.57 -19.23 54.47
C ASP A 858 5.75 -20.75 54.43
N SER A 859 6.96 -21.19 54.79
CA SER A 859 7.32 -22.60 54.72
C SER A 859 6.90 -23.34 55.99
N ASN A 860 5.59 -23.59 56.11
CA ASN A 860 5.11 -24.39 57.23
C ASN A 860 5.42 -25.87 57.02
N GLU A 861 5.19 -26.37 55.81
CA GLU A 861 5.40 -27.77 55.48
C GLU A 861 6.11 -27.90 54.14
N PRO A 862 6.96 -28.94 53.96
CA PRO A 862 7.74 -29.04 52.72
C PRO A 862 6.92 -29.52 51.54
N CYS A 863 6.20 -28.61 50.88
CA CYS A 863 5.39 -28.97 49.73
C CYS A 863 6.27 -29.14 48.49
N GLY A 864 5.81 -30.01 47.58
CA GLY A 864 6.51 -30.24 46.35
C GLY A 864 7.70 -31.17 46.45
N GLY A 865 7.84 -31.91 47.55
CA GLY A 865 8.93 -32.83 47.73
C GLY A 865 10.19 -32.24 48.32
N GLN A 866 10.24 -30.93 48.54
CA GLN A 866 11.39 -30.27 49.14
C GLN A 866 10.88 -29.16 50.05
N LYS A 867 11.79 -28.62 50.86
CA LYS A 867 11.44 -27.48 51.71
C LYS A 867 11.26 -26.24 50.86
N GLY A 868 10.12 -25.58 51.04
CA GLY A 868 9.79 -24.45 50.18
C GLY A 868 10.58 -23.21 50.58
N PHE A 869 11.08 -22.51 49.57
CA PHE A 869 11.83 -21.28 49.76
C PHE A 869 10.94 -20.08 49.46
N VAL A 870 11.12 -19.03 50.24
CA VAL A 870 10.34 -17.79 50.12
C VAL A 870 11.27 -16.72 49.59
N PRO A 871 10.91 -16.02 48.49
CA PRO A 871 11.80 -14.98 47.95
C PRO A 871 11.79 -13.69 48.76
N GLN A 872 12.50 -12.68 48.26
CA GLN A 872 12.55 -11.37 48.90
C GLN A 872 11.94 -10.25 48.07
N LYS A 873 11.75 -10.47 46.76
CA LYS A 873 11.25 -9.44 45.87
C LYS A 873 10.22 -10.07 44.93
N GLY A 874 9.09 -9.40 44.78
CA GLY A 874 8.01 -9.97 44.00
C GLY A 874 7.27 -11.09 44.69
N ARG A 875 7.16 -11.03 46.02
CA ARG A 875 6.44 -12.06 46.76
C ARG A 875 4.94 -11.97 46.56
N SER A 876 4.42 -10.76 46.39
CA SER A 876 2.99 -10.55 46.23
C SER A 876 2.72 -9.97 44.86
N ASP A 877 1.56 -10.33 44.32
CA ASP A 877 1.11 -9.78 43.05
C ASP A 877 -0.36 -9.39 43.18
N THR A 878 -0.76 -8.38 42.41
CA THR A 878 -2.14 -7.93 42.41
C THR A 878 -2.46 -7.40 41.02
N LEU A 879 -3.43 -8.03 40.35
CA LEU A 879 -3.82 -7.66 39.00
C LEU A 879 -5.26 -7.16 38.99
N ILE A 880 -5.47 -6.05 38.28
CA ILE A 880 -6.79 -5.46 38.07
C ILE A 880 -7.03 -5.41 36.57
N LYS A 881 -8.07 -6.11 36.12
CA LYS A 881 -8.38 -6.18 34.70
C LYS A 881 -9.79 -5.66 34.45
N PRO A 882 -9.98 -4.69 33.57
CA PRO A 882 -11.33 -4.25 33.22
C PRO A 882 -11.98 -5.19 32.22
N VAL A 883 -13.31 -5.19 32.25
CA VAL A 883 -14.10 -5.96 31.30
C VAL A 883 -15.39 -5.19 31.00
N LEU A 884 -15.71 -5.09 29.71
CA LEU A 884 -16.95 -4.47 29.28
C LEU A 884 -18.11 -5.42 29.51
N VAL A 885 -19.17 -4.92 30.14
CA VAL A 885 -20.39 -5.68 30.37
C VAL A 885 -21.51 -4.98 29.62
N LYS A 886 -22.18 -5.72 28.71
CA LYS A 886 -23.28 -5.46 27.79
C LYS A 886 -24.59 -6.00 28.34
N PRO A 887 -25.71 -5.31 28.10
CA PRO A 887 -26.99 -5.81 28.61
C PRO A 887 -27.49 -7.01 27.83
N GLU A 888 -28.28 -7.85 28.51
CA GLU A 888 -28.65 -9.14 27.96
C GLU A 888 -29.79 -9.02 26.97
N GLY A 889 -29.85 -9.99 26.07
CA GLY A 889 -30.94 -10.11 25.13
C GLY A 889 -30.61 -9.49 23.78
N VAL A 890 -31.56 -9.61 22.86
CA VAL A 890 -31.34 -9.13 21.50
C VAL A 890 -31.55 -7.61 21.46
N LEU A 891 -30.89 -6.98 20.49
CA LEU A 891 -30.82 -5.52 20.37
C LEU A 891 -31.83 -5.08 19.32
N VAL A 892 -32.84 -4.35 19.78
CA VAL A 892 -33.77 -3.69 18.87
C VAL A 892 -33.21 -2.32 18.51
N GLU A 893 -33.13 -2.05 17.20
CA GLU A 893 -32.61 -0.81 16.65
C GLU A 893 -33.76 -0.10 15.95
N LYS A 894 -34.42 0.82 16.65
CA LYS A 894 -35.51 1.60 16.08
C LYS A 894 -34.94 2.89 15.50
N THR A 895 -35.07 3.06 14.19
CA THR A 895 -34.44 4.16 13.48
C THR A 895 -35.49 5.11 12.93
N HIS A 896 -35.17 6.40 12.96
CA HIS A 896 -35.98 7.43 12.31
C HIS A 896 -35.09 8.37 11.53
N SER A 897 -35.59 8.86 10.41
CA SER A 897 -34.82 9.71 9.52
C SER A 897 -35.53 11.05 9.33
N SER A 898 -34.75 12.05 8.91
CA SER A 898 -35.26 13.36 8.58
C SER A 898 -34.29 14.05 7.66
N LEU A 899 -34.81 14.80 6.69
CA LEU A 899 -33.99 15.67 5.86
C LEU A 899 -34.43 17.11 6.13
N LEU A 900 -33.71 17.79 7.00
CA LEU A 900 -34.02 19.19 7.31
C LEU A 900 -33.35 20.02 6.22
N CYS A 901 -34.13 20.39 5.20
CA CYS A 901 -33.60 21.14 4.06
C CYS A 901 -34.41 22.41 3.90
N PRO A 902 -33.96 23.51 4.51
CA PRO A 902 -34.64 24.80 4.31
C PRO A 902 -34.03 25.60 3.19
N LYS A 903 -34.63 26.76 2.87
CA LYS A 903 -34.11 27.65 1.84
C LYS A 903 -34.12 29.10 2.33
N GLY A 904 -33.69 29.31 3.58
CA GLY A 904 -33.63 30.65 4.14
C GLY A 904 -34.77 30.97 5.08
N LYS A 905 -35.12 29.99 5.93
CA LYS A 905 -36.23 30.08 6.86
C LYS A 905 -35.94 28.97 7.87
N VAL A 906 -36.41 29.11 9.10
CA VAL A 906 -36.29 28.01 10.05
C VAL A 906 -37.23 26.88 9.62
N ALA A 907 -36.74 25.64 9.76
CA ALA A 907 -37.49 24.45 9.37
C ALA A 907 -37.49 23.50 10.57
N SER A 908 -38.68 23.23 11.10
CA SER A 908 -38.83 22.48 12.33
C SER A 908 -39.53 21.16 12.04
N GLU A 909 -38.88 20.06 12.39
CA GLU A 909 -39.45 18.73 12.31
C GLU A 909 -39.34 18.08 13.69
N SER A 910 -39.86 16.86 13.82
CA SER A 910 -39.86 16.21 15.11
C SER A 910 -39.69 14.71 14.92
N VAL A 911 -39.15 14.06 15.95
CA VAL A 911 -39.03 12.60 16.00
C VAL A 911 -39.55 12.11 17.35
N SER A 912 -39.92 10.84 17.36
CA SER A 912 -40.47 10.18 18.54
C SER A 912 -39.62 8.98 18.88
N LEU A 913 -39.22 8.88 20.14
CA LEU A 913 -38.40 7.77 20.62
C LEU A 913 -39.23 7.00 21.65
N GLU A 914 -39.94 5.98 21.16
CA GLU A 914 -40.85 5.21 22.01
C GLU A 914 -40.46 3.74 21.97
N LEU A 915 -40.78 3.03 23.06
CA LEU A 915 -40.40 1.65 23.25
C LEU A 915 -41.52 0.82 23.87
N PRO A 916 -41.61 -0.47 23.53
CA PRO A 916 -42.48 -1.36 24.29
C PRO A 916 -41.84 -1.69 25.64
N VAL A 917 -42.65 -1.71 26.69
CA VAL A 917 -42.13 -1.88 28.05
C VAL A 917 -42.07 -3.38 28.34
N ASP A 918 -40.96 -3.98 27.92
CA ASP A 918 -40.52 -5.31 28.32
C ASP A 918 -39.01 -5.32 28.43
N ILE A 919 -38.42 -4.16 28.66
CA ILE A 919 -36.99 -3.97 28.46
C ILE A 919 -36.26 -4.17 29.77
N VAL A 920 -34.96 -4.45 29.67
CA VAL A 920 -34.06 -4.48 30.81
C VAL A 920 -33.68 -3.04 31.14
N PRO A 921 -33.39 -2.72 32.41
CA PRO A 921 -33.00 -1.34 32.73
C PRO A 921 -31.60 -1.01 32.22
N ASP A 922 -31.38 0.31 32.06
CA ASP A 922 -30.11 0.93 31.63
C ASP A 922 -29.62 0.46 30.26
N SER A 923 -30.54 0.03 29.39
CA SER A 923 -30.19 -0.45 28.07
C SER A 923 -30.48 0.55 26.96
N THR A 924 -31.20 1.62 27.27
CA THR A 924 -31.69 2.56 26.26
C THR A 924 -30.55 3.46 25.82
N LYS A 925 -29.99 3.17 24.64
CA LYS A 925 -28.95 3.99 24.04
C LYS A 925 -29.50 4.63 22.78
N ALA A 926 -29.45 5.96 22.73
CA ALA A 926 -30.00 6.72 21.62
C ALA A 926 -28.99 7.75 21.17
N TYR A 927 -28.86 7.92 19.86
CA TYR A 927 -28.04 9.03 19.40
C TYR A 927 -28.61 9.62 18.12
N VAL A 928 -28.37 10.92 17.97
CA VAL A 928 -28.84 11.74 16.87
C VAL A 928 -27.61 12.12 16.05
N THR A 929 -27.65 11.85 14.76
CA THR A 929 -26.51 12.09 13.89
C THR A 929 -26.90 13.00 12.75
N VAL A 930 -26.13 14.06 12.55
CA VAL A 930 -26.32 15.02 11.46
C VAL A 930 -25.17 14.85 10.48
N LEU A 931 -25.51 14.81 9.19
CA LEU A 931 -24.56 14.77 8.10
C LEU A 931 -24.93 15.84 7.10
N GLY A 932 -23.94 16.61 6.65
CA GLY A 932 -24.21 17.70 5.72
C GLY A 932 -24.44 17.24 4.30
N ASP A 933 -23.43 16.63 3.69
CA ASP A 933 -23.50 16.16 2.31
C ASP A 933 -23.62 14.65 2.29
N ILE A 934 -24.55 14.13 1.50
CA ILE A 934 -24.91 12.71 1.47
C ILE A 934 -23.77 11.87 0.93
N MET A 935 -23.17 12.31 -0.18
CA MET A 935 -21.98 11.65 -0.68
C MET A 935 -20.81 12.08 0.22
N GLY A 936 -20.29 11.12 0.97
CA GLY A 936 -19.23 11.38 1.93
C GLY A 936 -17.92 10.67 1.62
N THR A 937 -17.84 9.95 0.52
CA THR A 937 -16.62 9.30 0.09
C THR A 937 -16.54 9.35 -1.42
N ALA A 938 -15.31 9.12 -1.92
CA ALA A 938 -14.97 9.02 -3.35
C ALA A 938 -15.33 10.28 -4.13
N LEU A 939 -15.21 11.44 -3.46
CA LEU A 939 -15.50 12.72 -4.11
C LEU A 939 -14.46 13.03 -5.18
N GLN A 940 -13.22 12.65 -4.93
CA GLN A 940 -12.14 12.87 -5.87
C GLN A 940 -12.08 11.76 -6.92
N ASN A 941 -12.83 10.66 -6.70
CA ASN A 941 -12.89 9.59 -7.68
C ASN A 941 -13.73 9.99 -8.88
N LEU A 942 -14.70 10.87 -8.66
CA LEU A 942 -15.47 11.45 -9.77
C LEU A 942 -14.61 12.32 -10.66
N ASP A 943 -13.74 13.14 -10.05
CA ASP A 943 -12.85 14.00 -10.83
C ASP A 943 -11.70 13.21 -11.43
N GLY A 944 -11.31 12.10 -10.79
CA GLY A 944 -10.23 11.28 -11.32
C GLY A 944 -10.69 10.26 -12.33
N LEU A 945 -11.99 10.21 -12.60
CA LEU A 945 -12.56 9.28 -13.58
C LEU A 945 -12.26 9.71 -15.02
N VAL A 946 -11.92 10.99 -15.20
CA VAL A 946 -11.69 11.53 -16.54
C VAL A 946 -10.34 11.16 -17.13
N GLN A 947 -9.45 10.52 -16.36
CA GLN A 947 -8.11 10.23 -16.82
C GLN A 947 -8.10 8.96 -17.66
N MET A 948 -6.88 8.59 -18.13
CA MET A 948 -6.47 7.46 -18.97
C MET A 948 -7.38 7.31 -20.21
N PRO A 949 -7.17 8.12 -21.25
CA PRO A 949 -7.99 8.00 -22.45
C PRO A 949 -7.47 6.94 -23.41
N SER A 950 -8.31 6.60 -24.37
CA SER A 950 -7.97 5.61 -25.40
C SER A 950 -8.62 6.01 -26.71
N GLY A 951 -8.38 5.21 -27.74
CA GLY A 951 -8.95 5.49 -29.05
C GLY A 951 -9.41 4.26 -29.81
N CYS A 952 -9.28 3.07 -29.22
CA CYS A 952 -9.65 1.84 -29.88
C CYS A 952 -10.38 0.92 -28.90
N GLY A 953 -11.22 0.05 -29.44
CA GLY A 953 -11.91 -0.96 -28.66
C GLY A 953 -13.21 -0.46 -28.05
N GLU A 954 -13.91 -1.40 -27.40
CA GLU A 954 -15.13 -1.07 -26.69
C GLU A 954 -14.85 -0.55 -25.28
N GLN A 955 -13.59 -0.59 -24.85
CA GLN A 955 -13.19 0.00 -23.57
C GLN A 955 -13.34 1.51 -23.57
N ASN A 956 -13.18 2.16 -24.75
CA ASN A 956 -13.27 3.61 -24.86
C ASN A 956 -14.68 4.12 -24.60
N MET A 957 -15.69 3.39 -25.10
CA MET A 957 -17.09 3.78 -24.90
C MET A 957 -17.49 3.66 -23.44
N VAL A 958 -17.07 2.59 -22.77
CA VAL A 958 -17.39 2.40 -21.35
C VAL A 958 -16.59 3.37 -20.48
N LEU A 959 -15.33 3.66 -20.83
CA LEU A 959 -14.57 4.59 -20.02
C LEU A 959 -14.98 6.04 -20.25
N PHE A 960 -15.62 6.35 -21.38
CA PHE A 960 -16.02 7.72 -21.60
C PHE A 960 -17.52 7.93 -21.48
N ALA A 961 -18.26 6.87 -21.17
CA ALA A 961 -19.67 7.00 -20.78
C ALA A 961 -19.90 7.83 -19.50
N PRO A 962 -19.38 7.47 -18.31
CA PRO A 962 -19.94 8.10 -17.10
C PRO A 962 -19.39 9.49 -16.77
N ILE A 963 -18.54 10.06 -17.64
CA ILE A 963 -18.00 11.40 -17.41
C ILE A 963 -19.09 12.46 -17.54
N ILE A 964 -20.03 12.23 -18.47
CA ILE A 964 -21.18 13.12 -18.66
C ILE A 964 -22.07 13.12 -17.42
N TYR A 965 -22.32 11.92 -16.87
CA TYR A 965 -23.16 11.81 -15.67
C TYR A 965 -22.46 12.35 -14.42
N VAL A 966 -21.13 12.16 -14.35
CA VAL A 966 -20.34 12.71 -13.25
C VAL A 966 -20.35 14.23 -13.27
N LEU A 967 -20.18 14.83 -14.45
CA LEU A 967 -20.17 16.28 -14.54
C LEU A 967 -21.57 16.86 -14.42
N GLN A 968 -22.60 16.07 -14.75
CA GLN A 968 -23.98 16.49 -14.48
C GLN A 968 -24.26 16.49 -12.99
N TYR A 969 -23.70 15.52 -12.26
CA TYR A 969 -23.88 15.51 -10.81
C TYR A 969 -23.03 16.58 -10.13
N LEU A 970 -21.91 16.97 -10.75
CA LEU A 970 -21.06 18.03 -10.18
C LEU A 970 -21.73 19.40 -10.32
N GLU A 971 -22.39 19.64 -11.45
CA GLU A 971 -23.02 20.94 -11.67
C GLU A 971 -24.37 21.08 -10.99
N LYS A 972 -24.93 19.99 -10.48
CA LYS A 972 -26.19 20.04 -9.73
C LYS A 972 -25.96 19.93 -8.23
N ALA A 973 -24.70 19.95 -7.79
CA ALA A 973 -24.39 19.83 -6.38
C ALA A 973 -23.29 20.79 -5.95
N GLY A 974 -23.13 21.89 -6.66
CA GLY A 974 -22.27 23.00 -6.27
C GLY A 974 -20.79 22.73 -6.19
N LEU A 975 -20.27 21.89 -7.09
CA LEU A 975 -18.86 21.49 -7.02
C LEU A 975 -18.19 21.59 -8.39
N LEU A 976 -18.83 22.22 -9.37
CA LEU A 976 -18.30 22.31 -10.72
C LEU A 976 -17.20 23.37 -10.78
N THR A 977 -15.99 22.96 -10.42
CA THR A 977 -14.81 23.80 -10.66
C THR A 977 -14.54 23.85 -12.16
N GLU A 978 -14.24 25.04 -12.68
CA GLU A 978 -14.21 25.26 -14.12
C GLU A 978 -12.99 24.64 -14.79
N GLU A 979 -11.90 24.44 -14.05
CA GLU A 979 -10.69 23.87 -14.64
C GLU A 979 -10.85 22.39 -14.93
N ILE A 980 -11.36 21.63 -13.96
CA ILE A 980 -11.57 20.20 -14.16
C ILE A 980 -12.74 19.94 -15.11
N ARG A 981 -13.75 20.84 -15.10
CA ARG A 981 -14.84 20.77 -16.07
C ARG A 981 -14.34 21.03 -17.48
N SER A 982 -13.43 22.00 -17.65
CA SER A 982 -12.87 22.31 -18.97
C SER A 982 -11.96 21.18 -19.47
N ARG A 983 -11.18 20.58 -18.57
CA ARG A 983 -10.34 19.43 -18.92
C ARG A 983 -11.19 18.21 -19.29
N ALA A 984 -12.28 17.99 -18.57
CA ALA A 984 -13.13 16.83 -18.86
C ALA A 984 -13.94 17.04 -20.15
N VAL A 985 -14.39 18.26 -20.43
CA VAL A 985 -15.07 18.47 -21.71
C VAL A 985 -14.09 18.52 -22.87
N GLY A 986 -12.82 18.86 -22.64
CA GLY A 986 -11.82 18.68 -23.69
C GLY A 986 -11.53 17.21 -23.97
N PHE A 987 -11.50 16.40 -22.92
CA PHE A 987 -11.35 14.95 -23.07
C PHE A 987 -12.56 14.34 -23.79
N LEU A 988 -13.77 14.79 -23.46
CA LEU A 988 -14.95 14.28 -24.14
C LEU A 988 -15.06 14.85 -25.56
N GLU A 989 -14.46 16.02 -25.80
CA GLU A 989 -14.37 16.54 -27.17
C GLU A 989 -13.45 15.70 -28.04
N ILE A 990 -12.31 15.26 -27.50
CA ILE A 990 -11.45 14.38 -28.29
C ILE A 990 -11.91 12.93 -28.26
N GLY A 991 -12.84 12.57 -27.38
CA GLY A 991 -13.42 11.24 -27.39
C GLY A 991 -14.69 11.12 -28.21
N TYR A 992 -15.33 12.26 -28.49
CA TYR A 992 -16.53 12.26 -29.33
C TYR A 992 -16.19 11.97 -30.79
N GLN A 993 -15.01 12.41 -31.24
CA GLN A 993 -14.53 12.02 -32.57
C GLN A 993 -14.10 10.56 -32.61
N LYS A 994 -13.63 10.02 -31.49
CA LYS A 994 -13.22 8.61 -31.46
C LYS A 994 -14.40 7.69 -31.19
N GLU A 995 -15.57 8.26 -30.87
CA GLU A 995 -16.78 7.45 -30.78
C GLU A 995 -17.75 7.71 -31.94
N LEU A 996 -17.55 8.77 -32.72
CA LEU A 996 -18.46 9.08 -33.82
C LEU A 996 -18.24 8.21 -35.04
N MET A 997 -17.04 7.67 -35.22
CA MET A 997 -16.75 6.83 -36.38
C MET A 997 -17.05 5.35 -36.14
N TYR A 998 -17.80 5.02 -35.09
CA TYR A 998 -18.32 3.69 -34.85
C TYR A 998 -19.76 3.53 -35.33
N LYS A 999 -20.12 4.17 -36.43
CA LYS A 999 -21.51 4.16 -36.90
C LYS A 999 -21.67 3.19 -38.07
N HIS A 1000 -22.64 2.29 -37.95
CA HIS A 1000 -23.03 1.43 -39.05
C HIS A 1000 -23.81 2.24 -40.08
N SER A 1001 -23.64 1.90 -41.36
CA SER A 1001 -24.30 2.65 -42.42
C SER A 1001 -25.73 2.19 -42.66
N ASN A 1002 -26.17 1.11 -42.00
CA ASN A 1002 -27.57 0.74 -42.04
C ASN A 1002 -28.45 1.65 -41.19
N GLY A 1003 -27.85 2.36 -40.23
CA GLY A 1003 -28.59 3.22 -39.32
C GLY A 1003 -28.28 2.99 -37.86
N SER A 1004 -27.58 1.92 -37.50
CA SER A 1004 -27.19 1.63 -36.14
C SER A 1004 -25.76 2.11 -35.89
N TYR A 1005 -25.22 1.77 -34.72
CA TYR A 1005 -23.85 2.10 -34.37
C TYR A 1005 -23.06 0.82 -34.15
N SER A 1006 -21.88 0.74 -34.75
CA SER A 1006 -21.06 -0.46 -34.71
C SER A 1006 -20.23 -0.49 -33.43
N ALA A 1007 -19.52 -1.61 -33.23
CA ALA A 1007 -18.81 -1.84 -31.98
C ALA A 1007 -17.29 -1.93 -32.17
N PHE A 1008 -16.79 -2.83 -33.02
CA PHE A 1008 -15.36 -3.10 -33.06
C PHE A 1008 -14.65 -2.16 -34.04
N GLY A 1009 -15.21 -1.99 -35.23
CA GLY A 1009 -14.67 -1.05 -36.20
C GLY A 1009 -15.81 -0.43 -36.97
N GLU A 1010 -15.45 0.46 -37.90
CA GLU A 1010 -16.46 1.06 -38.78
C GLU A 1010 -16.93 0.02 -39.79
N ARG A 1011 -18.26 -0.11 -39.90
CA ARG A 1011 -19.02 -0.97 -40.82
C ARG A 1011 -18.72 -2.46 -40.52
N ASP A 1012 -18.34 -2.78 -39.27
CA ASP A 1012 -17.95 -4.15 -38.96
C ASP A 1012 -19.17 -5.03 -38.71
N GLY A 1013 -20.14 -4.53 -37.95
CA GLY A 1013 -21.31 -5.31 -37.64
C GLY A 1013 -22.43 -4.47 -37.09
N ASN A 1014 -23.65 -4.94 -37.29
CA ASN A 1014 -24.84 -4.30 -36.76
C ASN A 1014 -24.98 -4.66 -35.30
N GLY A 1015 -24.82 -3.67 -34.42
CA GLY A 1015 -24.93 -3.91 -32.99
C GLY A 1015 -26.37 -4.05 -32.54
N ASN A 1016 -26.52 -4.29 -31.24
CA ASN A 1016 -27.84 -4.45 -30.64
C ASN A 1016 -28.51 -3.10 -30.47
N THR A 1017 -29.80 -3.15 -30.13
CA THR A 1017 -30.61 -1.96 -29.95
C THR A 1017 -30.22 -1.19 -28.68
N TRP A 1018 -29.71 -1.92 -27.67
CA TRP A 1018 -29.21 -1.30 -26.44
C TRP A 1018 -27.98 -0.45 -26.70
N LEU A 1019 -27.11 -0.86 -27.63
CA LEU A 1019 -25.92 -0.07 -27.96
C LEU A 1019 -26.31 1.23 -28.67
N THR A 1020 -27.30 1.17 -29.56
CA THR A 1020 -27.81 2.36 -30.23
C THR A 1020 -28.50 3.32 -29.27
N ALA A 1021 -29.29 2.76 -28.34
CA ALA A 1021 -29.93 3.57 -27.30
C ALA A 1021 -28.92 4.17 -26.34
N PHE A 1022 -27.82 3.46 -26.05
CA PHE A 1022 -26.80 4.01 -25.17
C PHE A 1022 -25.95 5.07 -25.84
N VAL A 1023 -25.66 4.92 -27.15
CA VAL A 1023 -24.88 5.96 -27.80
C VAL A 1023 -25.74 7.20 -28.07
N THR A 1024 -27.05 7.03 -28.31
CA THR A 1024 -27.88 8.23 -28.39
C THR A 1024 -28.21 8.81 -27.02
N LYS A 1025 -28.07 8.02 -25.94
CA LYS A 1025 -28.20 8.57 -24.59
C LYS A 1025 -26.96 9.38 -24.21
N CYS A 1026 -25.77 8.88 -24.52
CA CYS A 1026 -24.56 9.62 -24.20
C CYS A 1026 -24.26 10.72 -25.22
N PHE A 1027 -24.93 10.71 -26.37
CA PHE A 1027 -24.81 11.82 -27.31
C PHE A 1027 -25.86 12.89 -27.06
N GLY A 1028 -27.07 12.49 -26.67
CA GLY A 1028 -28.17 13.43 -26.46
C GLY A 1028 -28.22 14.12 -25.13
N GLN A 1029 -27.31 13.80 -24.21
CA GLN A 1029 -27.18 14.54 -22.96
C GLN A 1029 -25.83 15.24 -22.87
N ALA A 1030 -25.17 15.45 -24.02
CA ALA A 1030 -23.89 16.15 -24.08
C ALA A 1030 -23.98 17.49 -24.80
N GLN A 1031 -25.15 17.87 -25.31
CA GLN A 1031 -25.29 19.13 -26.02
C GLN A 1031 -25.36 20.34 -25.10
N LYS A 1032 -25.48 20.13 -23.79
CA LYS A 1032 -25.29 21.20 -22.82
C LYS A 1032 -23.82 21.48 -22.57
N PHE A 1033 -22.93 20.63 -23.10
CA PHE A 1033 -21.50 20.69 -22.87
C PHE A 1033 -20.74 20.94 -24.17
N ILE A 1034 -21.01 20.10 -25.18
CA ILE A 1034 -20.16 19.88 -26.34
C ILE A 1034 -21.07 19.81 -27.57
N PHE A 1035 -20.62 20.38 -28.69
CA PHE A 1035 -21.31 20.28 -29.97
C PHE A 1035 -21.37 18.84 -30.44
N ILE A 1036 -22.59 18.30 -30.49
CA ILE A 1036 -22.88 16.96 -31.00
C ILE A 1036 -23.67 17.12 -32.28
N ASP A 1037 -23.35 16.31 -33.30
CA ASP A 1037 -24.07 16.35 -34.56
C ASP A 1037 -25.49 15.84 -34.39
N PRO A 1038 -26.46 16.41 -35.13
CA PRO A 1038 -27.85 15.95 -35.00
C PRO A 1038 -28.27 14.92 -36.03
N LYS A 1039 -27.42 14.65 -37.03
CA LYS A 1039 -27.81 13.82 -38.16
C LYS A 1039 -27.89 12.35 -37.80
N ASN A 1040 -27.06 11.90 -36.85
CA ASN A 1040 -27.10 10.51 -36.40
C ASN A 1040 -28.37 10.21 -35.59
N ILE A 1041 -28.96 11.25 -34.98
CA ILE A 1041 -30.25 11.10 -34.30
C ILE A 1041 -31.36 10.80 -35.30
N GLN A 1042 -31.37 11.49 -36.44
CA GLN A 1042 -32.38 11.25 -37.46
C GLN A 1042 -32.15 9.92 -38.16
N ASP A 1043 -30.88 9.54 -38.36
CA ASP A 1043 -30.55 8.21 -38.89
C ASP A 1043 -30.97 7.11 -37.93
N ALA A 1044 -30.83 7.32 -36.62
CA ALA A 1044 -31.28 6.34 -35.64
C ALA A 1044 -32.80 6.27 -35.56
N LEU A 1045 -33.48 7.41 -35.75
CA LEU A 1045 -34.94 7.47 -35.80
C LEU A 1045 -35.49 6.67 -36.99
N LYS A 1046 -34.85 6.82 -38.16
CA LYS A 1046 -35.20 5.99 -39.31
C LYS A 1046 -34.78 4.54 -39.10
N TRP A 1047 -33.80 4.29 -38.23
CA TRP A 1047 -33.37 2.92 -37.94
C TRP A 1047 -34.40 2.18 -37.10
N MET A 1048 -34.94 2.79 -36.03
CA MET A 1048 -35.92 2.01 -35.28
C MET A 1048 -37.35 2.27 -35.76
N ALA A 1049 -37.54 3.06 -36.83
CA ALA A 1049 -38.84 3.15 -37.49
C ALA A 1049 -39.27 1.81 -38.10
N GLY A 1050 -38.31 0.95 -38.45
CA GLY A 1050 -38.62 -0.42 -38.85
C GLY A 1050 -38.37 -1.49 -37.80
N ASN A 1051 -37.75 -1.16 -36.66
CA ASN A 1051 -37.39 -2.19 -35.69
C ASN A 1051 -38.59 -2.67 -34.87
N GLN A 1052 -39.43 -1.74 -34.43
CA GLN A 1052 -40.60 -2.09 -33.64
C GLN A 1052 -41.76 -2.39 -34.56
N LEU A 1053 -42.42 -3.53 -34.31
CA LEU A 1053 -43.56 -3.95 -35.10
C LEU A 1053 -44.76 -4.11 -34.18
N PRO A 1054 -45.96 -3.70 -34.61
CA PRO A 1054 -47.13 -3.86 -33.74
C PRO A 1054 -47.61 -5.29 -33.62
N SER A 1055 -47.38 -6.12 -34.64
CA SER A 1055 -47.76 -7.54 -34.59
C SER A 1055 -46.56 -8.38 -34.12
N GLY A 1056 -46.09 -8.07 -32.93
CA GLY A 1056 -44.96 -8.78 -32.36
C GLY A 1056 -43.68 -7.97 -32.35
N CYS A 1057 -43.11 -7.77 -31.15
CA CYS A 1057 -41.82 -7.13 -30.99
C CYS A 1057 -40.69 -8.14 -31.11
N TYR A 1058 -39.49 -7.75 -30.62
CA TYR A 1058 -38.28 -8.57 -30.55
C TYR A 1058 -37.79 -8.97 -31.95
N ALA A 1059 -37.60 -7.96 -32.80
CA ALA A 1059 -36.90 -8.17 -34.06
C ALA A 1059 -35.42 -8.45 -33.81
N ASN A 1060 -34.86 -7.80 -32.78
CA ASN A 1060 -33.52 -8.00 -32.19
C ASN A 1060 -32.46 -7.66 -33.25
N VAL A 1061 -31.75 -8.66 -33.80
CA VAL A 1061 -30.73 -8.63 -34.86
C VAL A 1061 -29.44 -8.05 -34.30
N GLY A 1062 -28.37 -8.84 -34.32
CA GLY A 1062 -27.10 -8.51 -33.72
C GLY A 1062 -27.04 -8.47 -32.21
N ASN A 1063 -25.83 -8.60 -31.66
CA ASN A 1063 -25.61 -8.64 -30.21
C ASN A 1063 -24.17 -8.30 -29.84
N LEU A 1064 -23.98 -7.78 -28.63
CA LEU A 1064 -22.64 -7.46 -28.16
C LEU A 1064 -21.97 -8.71 -27.58
N LEU A 1065 -20.90 -9.15 -28.24
CA LEU A 1065 -20.09 -10.27 -27.77
C LEU A 1065 -18.69 -9.73 -27.47
N HIS A 1066 -18.53 -9.19 -26.27
CA HIS A 1066 -17.36 -8.42 -25.89
C HIS A 1066 -16.78 -8.97 -24.59
N THR A 1067 -15.49 -8.71 -24.37
CA THR A 1067 -14.78 -9.21 -23.20
C THR A 1067 -15.22 -8.49 -21.95
N ALA A 1068 -15.70 -9.27 -20.96
CA ALA A 1068 -16.17 -8.85 -19.63
C ALA A 1068 -17.31 -7.82 -19.68
N MET A 1069 -18.12 -7.88 -20.73
CA MET A 1069 -19.31 -7.02 -20.86
C MET A 1069 -20.49 -7.91 -21.19
N LYS A 1070 -21.56 -7.82 -20.38
CA LYS A 1070 -22.78 -8.55 -20.69
C LYS A 1070 -24.00 -7.65 -20.57
N GLY A 1071 -23.92 -6.61 -19.75
CA GLY A 1071 -25.05 -5.75 -19.50
C GLY A 1071 -26.10 -6.41 -18.62
N GLY A 1072 -27.32 -6.56 -19.14
CA GLY A 1072 -28.38 -7.20 -18.40
C GLY A 1072 -28.87 -8.47 -19.06
N VAL A 1073 -30.11 -8.88 -18.76
CA VAL A 1073 -30.68 -10.07 -19.39
C VAL A 1073 -31.03 -9.80 -20.85
N ASP A 1074 -31.59 -8.61 -21.14
CA ASP A 1074 -31.86 -8.06 -22.48
C ASP A 1074 -32.76 -8.97 -23.32
N ASP A 1075 -33.94 -9.27 -22.77
CA ASP A 1075 -35.02 -9.93 -23.50
C ASP A 1075 -35.86 -8.92 -24.26
N GLU A 1076 -37.06 -9.30 -24.68
CA GLU A 1076 -37.89 -8.47 -25.56
C GLU A 1076 -38.35 -7.18 -24.89
N VAL A 1077 -38.94 -7.29 -23.71
CA VAL A 1077 -39.57 -6.12 -23.10
C VAL A 1077 -38.54 -5.26 -22.37
N SER A 1078 -37.40 -5.85 -21.99
CA SER A 1078 -36.30 -5.06 -21.42
C SER A 1078 -35.64 -4.20 -22.49
N LEU A 1079 -35.42 -4.76 -23.68
CA LEU A 1079 -34.88 -3.99 -24.80
C LEU A 1079 -35.89 -2.96 -25.31
N THR A 1080 -37.19 -3.29 -25.22
CA THR A 1080 -38.24 -2.29 -25.50
C THR A 1080 -38.20 -1.15 -24.49
N ALA A 1081 -37.93 -1.46 -23.22
CA ALA A 1081 -37.79 -0.42 -22.20
C ALA A 1081 -36.54 0.43 -22.42
N TYR A 1082 -35.44 -0.18 -22.88
CA TYR A 1082 -34.24 0.60 -23.21
C TYR A 1082 -34.48 1.52 -24.40
N VAL A 1083 -35.13 1.03 -25.45
CA VAL A 1083 -35.36 1.85 -26.64
C VAL A 1083 -36.47 2.89 -26.41
N THR A 1084 -37.36 2.68 -25.44
CA THR A 1084 -38.40 3.66 -25.14
C THR A 1084 -38.11 4.47 -23.87
N ALA A 1085 -36.95 4.28 -23.25
CA ALA A 1085 -36.51 5.12 -22.14
C ALA A 1085 -35.28 5.95 -22.47
N ALA A 1086 -34.30 5.38 -23.16
CA ALA A 1086 -33.07 6.10 -23.43
C ALA A 1086 -33.20 7.10 -24.57
N LEU A 1087 -34.29 7.01 -25.35
CA LEU A 1087 -34.47 7.80 -26.56
C LEU A 1087 -35.15 9.13 -26.31
N LEU A 1088 -35.48 9.44 -25.06
CA LEU A 1088 -36.22 10.64 -24.73
C LEU A 1088 -35.39 11.66 -23.98
N GLU A 1089 -34.12 11.35 -23.69
CA GLU A 1089 -33.23 12.27 -23.02
C GLU A 1089 -32.40 13.08 -24.02
N MET A 1090 -33.09 13.67 -24.99
CA MET A 1090 -32.56 14.74 -25.82
C MET A 1090 -33.34 16.03 -25.60
N GLY A 1091 -34.04 16.11 -24.47
CA GLY A 1091 -35.06 17.11 -24.27
C GLY A 1091 -36.44 16.69 -24.75
N LYS A 1092 -36.59 15.44 -25.20
CA LYS A 1092 -37.87 14.95 -25.69
C LYS A 1092 -38.80 14.62 -24.53
N ASP A 1093 -40.08 14.46 -24.85
CA ASP A 1093 -41.11 14.16 -23.87
C ASP A 1093 -42.20 13.35 -24.55
N VAL A 1094 -43.37 13.28 -23.91
CA VAL A 1094 -44.53 12.59 -24.45
C VAL A 1094 -45.17 13.45 -25.53
N ASP A 1095 -46.14 12.84 -26.24
CA ASP A 1095 -46.78 13.03 -27.57
C ASP A 1095 -45.99 12.34 -28.69
N ASP A 1096 -44.94 11.60 -28.37
CA ASP A 1096 -44.21 10.85 -29.38
C ASP A 1096 -45.01 9.62 -29.80
N PRO A 1097 -44.91 9.19 -31.06
CA PRO A 1097 -45.55 7.93 -31.45
C PRO A 1097 -44.72 6.69 -31.15
N MET A 1098 -43.42 6.85 -30.90
CA MET A 1098 -42.55 5.69 -30.69
C MET A 1098 -42.71 5.09 -29.29
N VAL A 1099 -43.05 5.91 -28.29
CA VAL A 1099 -43.42 5.36 -26.98
C VAL A 1099 -44.74 4.62 -27.04
N SER A 1100 -45.65 5.07 -27.91
CA SER A 1100 -46.89 4.33 -28.12
C SER A 1100 -46.65 3.05 -28.91
N GLN A 1101 -45.66 3.07 -29.81
CA GLN A 1101 -45.33 1.88 -30.58
C GLN A 1101 -44.65 0.82 -29.71
N GLY A 1102 -43.78 1.25 -28.79
CA GLY A 1102 -43.25 0.33 -27.80
C GLY A 1102 -44.27 -0.05 -26.75
N LEU A 1103 -45.29 0.80 -26.56
CA LEU A 1103 -46.30 0.56 -25.53
C LEU A 1103 -47.27 -0.55 -25.95
N ARG A 1104 -47.41 -0.77 -27.26
CA ARG A 1104 -48.33 -1.80 -27.76
C ARG A 1104 -47.82 -3.21 -27.47
N CYS A 1105 -46.50 -3.37 -27.32
CA CYS A 1105 -45.93 -4.64 -26.91
C CYS A 1105 -45.93 -4.81 -25.39
N LEU A 1106 -46.31 -3.78 -24.64
CA LEU A 1106 -46.31 -3.83 -23.18
C LEU A 1106 -47.70 -3.75 -22.57
N LYS A 1107 -48.76 -3.80 -23.39
CA LYS A 1107 -50.10 -3.69 -22.85
C LYS A 1107 -50.54 -5.01 -22.20
N ASN A 1108 -50.08 -6.13 -22.76
CA ASN A 1108 -50.33 -7.44 -22.18
C ASN A 1108 -49.13 -7.97 -21.42
N SER A 1109 -47.93 -7.48 -21.73
CA SER A 1109 -46.69 -7.95 -21.13
C SER A 1109 -46.47 -7.40 -19.73
N ALA A 1110 -47.26 -6.39 -19.33
CA ALA A 1110 -47.15 -5.85 -17.99
C ALA A 1110 -47.74 -6.78 -16.94
N THR A 1111 -48.57 -7.74 -17.35
CA THR A 1111 -49.17 -8.67 -16.41
C THR A 1111 -48.20 -9.75 -15.95
N SER A 1112 -47.27 -10.13 -16.83
CA SER A 1112 -46.36 -11.24 -16.52
C SER A 1112 -45.28 -10.82 -15.53
N THR A 1113 -44.71 -9.62 -15.74
CA THR A 1113 -43.72 -8.84 -14.95
C THR A 1113 -42.30 -9.38 -14.94
N THR A 1114 -42.11 -10.66 -15.33
CA THR A 1114 -40.84 -11.42 -15.53
C THR A 1114 -39.81 -11.15 -14.41
N ASN A 1115 -40.23 -11.44 -13.17
CA ASN A 1115 -39.44 -11.31 -11.92
C ASN A 1115 -39.15 -9.83 -11.60
N LEU A 1116 -38.26 -9.60 -10.62
CA LEU A 1116 -38.18 -8.29 -9.96
C LEU A 1116 -37.45 -7.26 -10.83
N TYR A 1117 -36.45 -7.72 -11.60
CA TYR A 1117 -35.76 -6.91 -12.62
C TYR A 1117 -36.70 -6.30 -13.65
N THR A 1118 -37.54 -7.14 -14.27
CA THR A 1118 -38.33 -6.63 -15.37
C THR A 1118 -39.59 -5.96 -14.87
N GLN A 1119 -40.02 -6.27 -13.63
CA GLN A 1119 -41.07 -5.44 -13.06
C GLN A 1119 -40.52 -4.07 -12.65
N ALA A 1120 -39.21 -3.98 -12.35
CA ALA A 1120 -38.58 -2.68 -12.16
C ALA A 1120 -38.47 -1.89 -13.47
N LEU A 1121 -38.10 -2.54 -14.58
CA LEU A 1121 -38.05 -1.82 -15.87
C LEU A 1121 -39.45 -1.44 -16.37
N LEU A 1122 -40.46 -2.29 -16.12
CA LEU A 1122 -41.82 -1.92 -16.47
C LEU A 1122 -42.35 -0.80 -15.58
N ALA A 1123 -41.91 -0.74 -14.32
CA ALA A 1123 -42.19 0.41 -13.46
C ALA A 1123 -41.52 1.66 -14.00
N TYR A 1124 -40.32 1.52 -14.57
CA TYR A 1124 -39.66 2.67 -15.20
C TYR A 1124 -40.36 3.13 -16.47
N ILE A 1125 -40.91 2.22 -17.26
CA ILE A 1125 -41.50 2.67 -18.52
C ILE A 1125 -42.91 3.24 -18.30
N PHE A 1126 -43.67 2.74 -17.33
CA PHE A 1126 -44.93 3.40 -17.00
C PHE A 1126 -44.78 4.52 -15.98
N SER A 1127 -43.59 4.70 -15.39
CA SER A 1127 -43.40 5.82 -14.48
C SER A 1127 -43.22 7.13 -15.22
N LEU A 1128 -42.54 7.10 -16.38
CA LEU A 1128 -42.40 8.26 -17.22
C LEU A 1128 -43.49 8.39 -18.27
N ALA A 1129 -44.35 7.37 -18.41
CA ALA A 1129 -45.46 7.46 -19.36
C ALA A 1129 -46.57 8.38 -18.86
N GLY A 1130 -46.70 8.52 -17.54
CA GLY A 1130 -47.65 9.44 -16.96
C GLY A 1130 -49.04 8.90 -16.70
N GLU A 1131 -49.30 7.63 -16.99
CA GLU A 1131 -50.62 7.06 -16.72
C GLU A 1131 -50.58 6.22 -15.44
N MET A 1132 -51.74 6.12 -14.78
CA MET A 1132 -51.83 5.45 -13.49
C MET A 1132 -52.63 4.15 -13.55
N ASP A 1133 -53.08 3.72 -14.73
CA ASP A 1133 -54.06 2.64 -14.83
C ASP A 1133 -53.43 1.26 -14.55
N ILE A 1134 -52.25 1.02 -15.11
CA ILE A 1134 -51.52 -0.23 -14.86
C ILE A 1134 -50.15 0.10 -14.28
N ARG A 1135 -50.13 1.10 -13.41
CA ARG A 1135 -48.93 1.54 -12.71
C ARG A 1135 -48.90 1.11 -11.24
N ASN A 1136 -50.01 1.31 -10.53
CA ASN A 1136 -50.01 1.16 -9.08
C ASN A 1136 -50.19 -0.29 -8.63
N ILE A 1137 -50.56 -1.19 -9.54
CA ILE A 1137 -50.76 -2.60 -9.18
C ILE A 1137 -49.42 -3.26 -8.86
N LEU A 1138 -48.43 -3.04 -9.71
CA LEU A 1138 -47.09 -3.55 -9.50
C LEU A 1138 -46.24 -2.65 -8.61
N LEU A 1139 -46.79 -1.53 -8.14
CA LEU A 1139 -46.15 -0.73 -7.11
C LEU A 1139 -46.47 -1.21 -5.69
N LYS A 1140 -47.34 -2.20 -5.53
CA LYS A 1140 -47.51 -2.88 -4.26
C LYS A 1140 -46.69 -4.16 -4.17
N GLN A 1141 -45.67 -4.29 -5.03
CA GLN A 1141 -44.70 -5.39 -4.91
C GLN A 1141 -43.29 -4.90 -5.21
N LEU A 1142 -43.04 -3.60 -5.12
CA LEU A 1142 -41.74 -3.01 -5.41
C LEU A 1142 -41.07 -2.41 -4.18
N ASP A 1143 -41.74 -1.46 -3.51
CA ASP A 1143 -41.09 -0.72 -2.44
C ASP A 1143 -41.04 -1.51 -1.15
N GLN A 1144 -42.06 -2.33 -0.86
CA GLN A 1144 -42.09 -3.10 0.37
C GLN A 1144 -41.19 -4.34 0.30
N GLN A 1145 -40.71 -4.72 -0.88
CA GLN A 1145 -39.74 -5.79 -1.04
C GLN A 1145 -38.30 -5.30 -0.98
N ALA A 1146 -38.08 -4.12 -0.40
CA ALA A 1146 -36.73 -3.60 -0.27
C ALA A 1146 -35.98 -4.31 0.86
N ILE A 1147 -34.66 -4.43 0.69
CA ILE A 1147 -33.82 -5.03 1.72
C ILE A 1147 -33.50 -3.95 2.74
N ILE A 1148 -34.20 -3.98 3.88
CA ILE A 1148 -34.03 -2.94 4.88
C ILE A 1148 -32.78 -3.21 5.69
N SER A 1149 -31.79 -2.31 5.58
CA SER A 1149 -30.55 -2.40 6.33
C SER A 1149 -30.28 -1.05 7.01
N GLY A 1150 -30.88 -0.86 8.18
CA GLY A 1150 -30.68 0.37 8.95
C GLY A 1150 -31.30 1.59 8.28
N GLU A 1151 -30.48 2.64 8.16
CA GLU A 1151 -30.82 3.81 7.38
C GLU A 1151 -30.19 3.80 5.99
N SER A 1152 -29.82 2.62 5.50
CA SER A 1152 -29.12 2.46 4.23
C SER A 1152 -29.81 1.37 3.44
N ILE A 1153 -31.14 1.48 3.31
CA ILE A 1153 -31.97 0.45 2.69
C ILE A 1153 -31.74 0.41 1.19
N TYR A 1154 -32.04 -0.74 0.58
CA TYR A 1154 -31.77 -0.99 -0.83
C TYR A 1154 -32.64 -2.14 -1.32
N TRP A 1155 -32.40 -2.59 -2.55
CA TRP A 1155 -33.12 -3.72 -3.09
C TRP A 1155 -32.13 -4.77 -3.59
N SER A 1156 -32.51 -6.03 -3.47
CA SER A 1156 -31.72 -7.15 -3.95
C SER A 1156 -32.64 -8.28 -4.37
N GLN A 1157 -32.05 -9.31 -4.97
CA GLN A 1157 -32.78 -10.42 -5.55
C GLN A 1157 -31.89 -11.65 -5.70
N ALA A 1173 -23.19 -4.73 -9.56
CA ALA A 1173 -23.44 -5.79 -10.53
C ALA A 1173 -24.94 -6.01 -10.71
N VAL A 1174 -25.57 -6.59 -9.70
CA VAL A 1174 -27.00 -6.89 -9.74
C VAL A 1174 -27.78 -6.02 -8.76
N ASP A 1175 -27.32 -5.91 -7.51
CA ASP A 1175 -28.09 -5.22 -6.48
C ASP A 1175 -28.01 -3.71 -6.64
N VAL A 1176 -26.85 -3.19 -7.05
CA VAL A 1176 -26.68 -1.75 -7.26
C VAL A 1176 -27.48 -1.30 -8.48
N GLU A 1177 -27.57 -2.16 -9.50
CA GLU A 1177 -28.41 -1.87 -10.66
C GLU A 1177 -29.89 -1.83 -10.30
N LEU A 1178 -30.34 -2.74 -9.44
CA LEU A 1178 -31.74 -2.76 -9.05
C LEU A 1178 -32.09 -1.60 -8.13
N THR A 1179 -31.16 -1.22 -7.24
CA THR A 1179 -31.37 -0.07 -6.38
C THR A 1179 -31.36 1.23 -7.18
N ALA A 1180 -30.49 1.31 -8.20
CA ALA A 1180 -30.49 2.46 -9.12
C ALA A 1180 -31.77 2.54 -9.92
N TYR A 1181 -32.29 1.38 -10.37
CA TYR A 1181 -33.54 1.34 -11.12
C TYR A 1181 -34.73 1.74 -10.26
N ALA A 1182 -34.75 1.29 -9.00
CA ALA A 1182 -35.86 1.62 -8.10
C ALA A 1182 -35.84 3.10 -7.71
N LEU A 1183 -34.64 3.63 -7.40
CA LEU A 1183 -34.50 5.04 -7.05
C LEU A 1183 -34.79 5.94 -8.25
N LEU A 1184 -34.42 5.50 -9.45
CA LEU A 1184 -34.71 6.28 -10.64
C LEU A 1184 -36.16 6.13 -11.07
N ALA A 1185 -36.82 5.04 -10.64
CA ALA A 1185 -38.23 4.86 -10.92
C ALA A 1185 -39.10 5.72 -10.02
N GLN A 1186 -38.68 5.92 -8.76
CA GLN A 1186 -39.46 6.78 -7.86
C GLN A 1186 -39.34 8.25 -8.24
N LEU A 1187 -38.19 8.65 -8.80
CA LEU A 1187 -37.87 10.06 -9.03
C LEU A 1187 -38.24 10.47 -10.45
N THR A 1188 -39.51 10.22 -10.79
CA THR A 1188 -40.07 10.65 -12.08
C THR A 1188 -41.26 11.57 -11.88
N LYS A 1189 -42.20 11.14 -11.05
CA LYS A 1189 -43.46 11.86 -10.89
C LYS A 1189 -43.24 13.12 -10.04
N PRO A 1190 -43.99 14.21 -10.29
CA PRO A 1190 -43.74 15.45 -9.54
C PRO A 1190 -44.52 15.55 -8.24
N SER A 1191 -45.19 14.48 -7.84
CA SER A 1191 -46.02 14.48 -6.63
C SER A 1191 -45.27 13.69 -5.55
N LEU A 1192 -44.44 14.40 -4.79
CA LEU A 1192 -43.61 13.79 -3.76
C LEU A 1192 -43.66 14.63 -2.49
N THR A 1193 -43.45 13.96 -1.36
CA THR A 1193 -43.51 14.63 -0.06
C THR A 1193 -42.26 14.36 0.77
N GLN A 1194 -42.31 14.71 2.06
CA GLN A 1194 -41.13 14.66 2.92
C GLN A 1194 -40.69 13.24 3.23
N LYS A 1195 -41.64 12.31 3.38
CA LYS A 1195 -41.31 10.94 3.75
C LYS A 1195 -40.65 10.18 2.60
N GLU A 1196 -41.15 10.38 1.37
CA GLU A 1196 -40.53 9.79 0.19
C GLU A 1196 -39.15 10.40 -0.07
N ILE A 1197 -38.98 11.69 0.25
CA ILE A 1197 -37.70 12.35 0.09
C ILE A 1197 -36.68 11.83 1.11
N ALA A 1198 -37.13 11.56 2.35
CA ALA A 1198 -36.23 10.98 3.35
C ALA A 1198 -35.89 9.52 3.06
N LYS A 1199 -36.86 8.76 2.51
CA LYS A 1199 -36.59 7.40 2.04
C LYS A 1199 -35.60 7.39 0.88
N ALA A 1200 -35.76 8.33 -0.06
CA ALA A 1200 -34.81 8.49 -1.15
C ALA A 1200 -33.46 8.97 -0.66
N THR A 1201 -33.44 9.76 0.43
CA THR A 1201 -32.18 10.17 1.06
C THR A 1201 -31.44 8.97 1.66
N SER A 1202 -32.19 8.01 2.22
CA SER A 1202 -31.58 6.77 2.68
C SER A 1202 -31.03 5.93 1.52
N ILE A 1203 -31.73 5.93 0.38
CA ILE A 1203 -31.25 5.19 -0.80
C ILE A 1203 -29.99 5.83 -1.38
N VAL A 1204 -29.97 7.18 -1.46
CA VAL A 1204 -28.78 7.92 -1.86
C VAL A 1204 -27.65 7.76 -0.84
N ALA A 1205 -27.98 7.54 0.44
CA ALA A 1205 -26.96 7.27 1.46
C ALA A 1205 -26.29 5.90 1.23
N TRP A 1206 -27.10 4.87 0.94
CA TRP A 1206 -26.55 3.54 0.68
C TRP A 1206 -25.77 3.50 -0.64
N LEU A 1207 -26.24 4.26 -1.64
CA LEU A 1207 -25.50 4.33 -2.90
C LEU A 1207 -24.29 5.24 -2.76
N ALA A 1208 -24.32 6.13 -1.76
CA ALA A 1208 -23.23 7.06 -1.53
C ALA A 1208 -22.05 6.38 -0.83
N LYS A 1209 -22.32 5.44 0.06
CA LYS A 1209 -21.25 4.78 0.83
C LYS A 1209 -20.68 3.56 0.10
N GLN A 1210 -20.33 3.73 -1.19
CA GLN A 1210 -19.74 2.68 -2.01
C GLN A 1210 -18.60 3.27 -2.83
N HIS A 1211 -17.48 2.55 -2.92
CA HIS A 1211 -16.38 2.96 -3.77
C HIS A 1211 -16.38 2.30 -5.14
N ASN A 1212 -17.07 1.17 -5.30
CA ASN A 1212 -17.02 0.40 -6.53
C ASN A 1212 -18.15 0.72 -7.49
N ALA A 1213 -19.17 1.47 -7.04
CA ALA A 1213 -20.26 1.85 -7.94
C ALA A 1213 -19.81 2.86 -8.97
N TYR A 1214 -19.13 3.92 -8.53
CA TYR A 1214 -18.58 4.92 -9.43
C TYR A 1214 -17.07 4.94 -9.25
N GLY A 1215 -16.35 5.16 -10.35
CA GLY A 1215 -14.94 4.93 -10.37
C GLY A 1215 -14.56 3.53 -10.82
N GLY A 1216 -15.53 2.63 -10.91
CA GLY A 1216 -15.35 1.33 -11.50
C GLY A 1216 -16.39 1.11 -12.58
N PHE A 1217 -15.94 0.96 -13.83
CA PHE A 1217 -16.84 0.82 -14.97
C PHE A 1217 -16.96 -0.62 -15.45
N SER A 1218 -17.02 -1.58 -14.49
CA SER A 1218 -17.09 -2.99 -14.83
C SER A 1218 -18.43 -3.37 -15.42
N SER A 1219 -19.52 -2.86 -14.83
CA SER A 1219 -20.87 -3.13 -15.33
C SER A 1219 -21.31 -1.97 -16.21
N THR A 1220 -21.86 -2.28 -17.38
CA THR A 1220 -22.14 -1.28 -18.39
C THR A 1220 -23.42 -0.50 -18.14
N GLN A 1221 -24.26 -0.91 -17.19
CA GLN A 1221 -25.45 -0.14 -16.86
C GLN A 1221 -25.65 -0.09 -15.34
N ASP A 1222 -24.57 0.15 -14.60
CA ASP A 1222 -24.65 0.36 -13.16
C ASP A 1222 -24.25 1.78 -12.79
N THR A 1223 -23.07 2.23 -13.23
CA THR A 1223 -22.55 3.55 -12.88
C THR A 1223 -23.36 4.66 -13.53
N VAL A 1224 -23.77 4.47 -14.79
CA VAL A 1224 -24.52 5.48 -15.53
C VAL A 1224 -25.93 5.64 -14.96
N VAL A 1225 -26.58 4.53 -14.61
CA VAL A 1225 -27.93 4.57 -14.05
C VAL A 1225 -27.91 5.08 -12.62
N ALA A 1226 -26.89 4.70 -11.84
CA ALA A 1226 -26.77 5.18 -10.47
C ALA A 1226 -26.48 6.67 -10.40
N LEU A 1227 -25.57 7.17 -11.26
CA LEU A 1227 -25.32 8.59 -11.33
C LEU A 1227 -26.47 9.37 -11.94
N GLN A 1228 -27.27 8.73 -12.82
CA GLN A 1228 -28.49 9.34 -13.31
C GLN A 1228 -29.52 9.50 -12.20
N ALA A 1229 -29.64 8.50 -11.32
CA ALA A 1229 -30.53 8.58 -10.17
C ALA A 1229 -30.07 9.61 -9.16
N LEU A 1230 -28.74 9.74 -8.99
CA LEU A 1230 -28.20 10.79 -8.12
C LEU A 1230 -28.43 12.18 -8.73
N ALA A 1231 -28.35 12.28 -10.06
CA ALA A 1231 -28.61 13.55 -10.75
C ALA A 1231 -30.07 13.96 -10.64
N LYS A 1232 -31.00 13.00 -10.72
CA LYS A 1232 -32.41 13.36 -10.55
C LYS A 1232 -32.75 13.62 -9.08
N TYR A 1233 -32.00 13.01 -8.15
CA TYR A 1233 -32.19 13.34 -6.74
C TYR A 1233 -31.69 14.75 -6.43
N ALA A 1234 -30.60 15.16 -7.09
CA ALA A 1234 -30.17 16.56 -7.00
C ALA A 1234 -31.11 17.49 -7.76
N THR A 1235 -31.81 16.99 -8.77
CA THR A 1235 -32.77 17.79 -9.52
C THR A 1235 -34.00 18.11 -8.68
N THR A 1236 -34.53 17.12 -7.95
CA THR A 1236 -35.83 17.25 -7.28
C THR A 1236 -35.81 18.19 -6.09
N ALA A 1237 -35.04 17.90 -5.05
CA ALA A 1237 -35.09 18.79 -3.89
C ALA A 1237 -33.73 19.14 -3.31
N TYR A 1238 -32.78 18.21 -3.31
CA TYR A 1238 -31.58 18.34 -2.50
C TYR A 1238 -30.59 19.35 -3.09
N MET A 1239 -29.97 20.12 -2.21
CA MET A 1239 -28.89 21.04 -2.51
C MET A 1239 -27.83 20.85 -1.43
N PRO A 1240 -26.55 21.10 -1.75
CA PRO A 1240 -25.49 20.90 -0.74
C PRO A 1240 -25.55 21.94 0.38
N SER A 1241 -25.05 21.54 1.54
CA SER A 1241 -25.12 22.37 2.75
C SER A 1241 -24.08 23.47 2.66
N GLU A 1242 -24.54 24.72 2.55
CA GLU A 1242 -23.62 25.85 2.58
C GLU A 1242 -23.34 26.27 4.02
N GLU A 1243 -24.38 26.66 4.75
CA GLU A 1243 -24.25 26.95 6.17
C GLU A 1243 -25.57 26.65 6.84
N ILE A 1244 -25.57 25.68 7.75
CA ILE A 1244 -26.77 25.29 8.49
C ILE A 1244 -26.54 25.41 9.99
N ASN A 1245 -27.30 26.29 10.63
CA ASN A 1245 -27.42 26.25 12.08
C ASN A 1245 -28.60 25.35 12.45
N LEU A 1246 -28.30 24.25 13.15
CA LEU A 1246 -29.31 23.31 13.57
C LEU A 1246 -29.32 23.25 15.09
N VAL A 1247 -30.50 23.05 15.67
CA VAL A 1247 -30.60 22.84 17.11
C VAL A 1247 -31.68 21.80 17.39
N VAL A 1248 -31.32 20.84 18.24
CA VAL A 1248 -32.23 19.82 18.78
C VAL A 1248 -32.67 20.25 20.17
N LYS A 1249 -33.92 19.92 20.50
CA LYS A 1249 -34.56 20.30 21.75
C LYS A 1249 -35.33 19.11 22.31
N SER A 1250 -35.37 19.03 23.63
CA SER A 1250 -36.13 18.02 24.35
C SER A 1250 -37.08 18.72 25.32
N THR A 1251 -37.76 17.93 26.15
CA THR A 1251 -38.77 18.45 27.07
C THR A 1251 -38.26 18.70 28.47
N GLU A 1252 -37.01 18.37 28.78
CA GLU A 1252 -36.47 18.51 30.12
C GLU A 1252 -35.31 19.50 30.19
N ASN A 1253 -35.35 20.52 29.32
CA ASN A 1253 -34.33 21.57 29.14
C ASN A 1253 -32.99 20.90 28.79
N PHE A 1254 -32.94 20.40 27.56
CA PHE A 1254 -31.70 19.94 26.94
C PHE A 1254 -31.75 20.32 25.46
N GLN A 1255 -30.77 21.09 25.02
CA GLN A 1255 -30.67 21.56 23.66
C GLN A 1255 -29.27 21.30 23.15
N ARG A 1256 -29.14 21.09 21.84
CA ARG A 1256 -27.80 21.01 21.26
C ARG A 1256 -27.77 21.70 19.91
N THR A 1257 -26.72 22.48 19.68
CA THR A 1257 -26.58 23.27 18.47
C THR A 1257 -25.42 22.73 17.64
N PHE A 1258 -25.70 22.43 16.38
CA PHE A 1258 -24.69 22.01 15.42
C PHE A 1258 -24.52 23.09 14.36
N ASN A 1259 -23.26 23.37 14.00
CA ASN A 1259 -22.92 24.32 12.96
C ASN A 1259 -22.26 23.55 11.82
N ILE A 1260 -22.87 23.59 10.64
CA ILE A 1260 -22.41 22.82 9.49
C ILE A 1260 -22.11 23.83 8.39
N GLN A 1261 -20.83 24.13 8.21
CA GLN A 1261 -20.42 25.11 7.21
C GLN A 1261 -20.07 24.38 5.92
N SER A 1262 -19.46 25.11 4.97
CA SER A 1262 -19.12 24.54 3.68
C SER A 1262 -17.84 23.70 3.71
N VAL A 1263 -17.07 23.74 4.80
CA VAL A 1263 -15.82 22.99 4.87
C VAL A 1263 -15.91 21.77 5.79
N ASN A 1264 -16.90 21.71 6.68
CA ASN A 1264 -17.14 20.53 7.49
C ASN A 1264 -18.48 19.87 7.16
N ARG A 1265 -18.97 20.06 5.93
CA ARG A 1265 -20.19 19.41 5.49
C ARG A 1265 -19.99 17.93 5.22
N LEU A 1266 -18.76 17.48 5.02
CA LEU A 1266 -18.48 16.07 4.84
C LEU A 1266 -18.39 15.32 6.16
N VAL A 1267 -18.34 16.02 7.28
CA VAL A 1267 -18.13 15.40 8.58
C VAL A 1267 -19.44 14.81 9.08
N PHE A 1268 -19.43 13.53 9.36
CA PHE A 1268 -20.60 12.77 9.83
C PHE A 1268 -20.54 12.85 11.35
N GLN A 1269 -21.35 13.73 11.94
CA GLN A 1269 -21.17 14.08 13.35
C GLN A 1269 -22.41 13.74 14.16
N GLN A 1270 -22.19 13.11 15.31
CA GLN A 1270 -23.27 12.54 16.11
C GLN A 1270 -23.24 13.11 17.52
N ASP A 1271 -24.30 12.79 18.27
CA ASP A 1271 -24.40 13.16 19.68
C ASP A 1271 -25.33 12.18 20.38
N THR A 1272 -24.86 11.61 21.49
CA THR A 1272 -25.68 10.75 22.31
C THR A 1272 -26.74 11.57 23.05
N LEU A 1273 -27.81 10.90 23.47
CA LEU A 1273 -28.95 11.56 24.09
C LEU A 1273 -29.08 11.09 25.54
N PRO A 1274 -28.90 11.97 26.54
CA PRO A 1274 -28.93 11.53 27.93
C PRO A 1274 -30.32 11.43 28.54
N ASN A 1275 -31.36 11.82 27.82
CA ASN A 1275 -32.71 11.82 28.34
C ASN A 1275 -33.29 10.40 28.36
N VAL A 1276 -34.27 10.21 29.24
CA VAL A 1276 -35.25 9.14 29.05
C VAL A 1276 -35.95 9.37 27.71
N PRO A 1277 -35.99 8.38 26.81
CA PRO A 1277 -36.36 8.65 25.42
C PRO A 1277 -37.85 8.95 25.23
N GLY A 1278 -38.13 9.92 24.36
CA GLY A 1278 -39.46 10.41 24.12
C GLY A 1278 -39.53 11.37 22.95
N MET A 1279 -40.27 12.45 23.11
CA MET A 1279 -40.46 13.42 22.04
C MET A 1279 -39.21 14.28 21.88
N TYR A 1280 -38.76 14.46 20.64
CA TYR A 1280 -37.64 15.35 20.35
C TYR A 1280 -37.99 16.24 19.18
N THR A 1281 -37.59 17.51 19.25
CA THR A 1281 -37.84 18.47 18.19
C THR A 1281 -36.51 18.94 17.60
N LEU A 1282 -36.52 19.26 16.31
CA LEU A 1282 -35.33 19.68 15.60
C LEU A 1282 -35.69 20.86 14.72
N GLU A 1283 -34.76 21.80 14.58
CA GLU A 1283 -34.96 22.84 13.57
C GLU A 1283 -33.62 23.23 12.97
N ALA A 1284 -33.67 23.67 11.71
CA ALA A 1284 -32.49 24.03 10.95
C ALA A 1284 -32.75 25.31 10.18
N SER A 1285 -31.69 26.11 10.00
CA SER A 1285 -31.79 27.36 9.28
C SER A 1285 -30.50 27.63 8.54
N GLY A 1286 -30.60 28.50 7.53
CA GLY A 1286 -29.44 28.88 6.72
C GLY A 1286 -29.66 28.53 5.26
N GLN A 1287 -28.59 28.11 4.61
CA GLN A 1287 -28.64 27.72 3.21
C GLN A 1287 -28.07 26.32 3.05
N GLY A 1288 -28.83 25.43 2.44
CA GLY A 1288 -28.44 24.05 2.26
C GLY A 1288 -29.42 23.10 2.91
N CYS A 1289 -29.08 21.80 2.84
CA CYS A 1289 -29.89 20.74 3.40
C CYS A 1289 -28.99 19.84 4.25
N VAL A 1290 -29.52 19.33 5.36
CA VAL A 1290 -28.79 18.41 6.22
C VAL A 1290 -29.65 17.19 6.52
N TYR A 1291 -29.03 16.02 6.47
CA TYR A 1291 -29.72 14.76 6.73
C TYR A 1291 -29.42 14.33 8.17
N VAL A 1292 -30.46 14.24 8.98
CA VAL A 1292 -30.32 13.90 10.40
C VAL A 1292 -31.11 12.63 10.65
N GLN A 1293 -30.43 11.62 11.18
CA GLN A 1293 -31.08 10.36 11.54
C GLN A 1293 -30.83 10.05 13.00
N THR A 1294 -31.85 9.53 13.66
CA THR A 1294 -31.76 9.15 15.07
C THR A 1294 -31.97 7.66 15.24
N VAL A 1295 -31.21 7.08 16.16
CA VAL A 1295 -31.29 5.65 16.44
C VAL A 1295 -31.53 5.42 17.92
N LEU A 1296 -32.42 4.47 18.19
CA LEU A 1296 -32.74 3.95 19.52
C LEU A 1296 -32.31 2.49 19.54
N ARG A 1297 -31.13 2.21 20.09
CA ARG A 1297 -30.64 0.85 20.21
C ARG A 1297 -30.77 0.43 21.67
N TYR A 1298 -31.64 -0.54 21.92
CA TYR A 1298 -31.86 -1.04 23.28
C TYR A 1298 -31.87 -2.56 23.23
N ASN A 1299 -31.93 -3.19 24.40
CA ASN A 1299 -31.94 -4.65 24.50
C ASN A 1299 -33.21 -5.09 25.20
N ILE A 1300 -33.77 -6.21 24.73
CA ILE A 1300 -34.99 -6.76 25.32
C ILE A 1300 -34.67 -8.16 25.84
N LEU A 1301 -35.08 -8.44 27.08
CA LEU A 1301 -35.11 -9.81 27.61
C LEU A 1301 -36.10 -10.60 26.76
N PRO A 1302 -35.79 -11.83 26.37
CA PRO A 1302 -36.69 -12.58 25.47
C PRO A 1302 -37.72 -13.40 26.24
N PRO A 1303 -39.03 -13.09 26.10
CA PRO A 1303 -39.96 -14.21 26.15
C PRO A 1303 -39.75 -15.21 25.02
#